data_2EOZ
#
_entry.id   2EOZ
#
loop_
_entity.id
_entity.type
_entity.pdbx_description
1 polymer 'Zinc finger protein 473'
2 non-polymer 'ZINC ION'
#
_entity_poly.entity_id   1
_entity_poly.type   'polypeptide(L)'
_entity_poly.pdbx_seq_one_letter_code
;GSSGSSGTGEKPYSCNVCGKAFVLSAHLNQHLRVHTQETLSGPSSG
;
_entity_poly.pdbx_strand_id   A
#
# COMPACT_ATOMS: atom_id res chain seq x y z
N GLY A 1 8.23 20.85 -10.03
CA GLY A 1 7.54 19.67 -9.54
C GLY A 1 8.27 18.38 -9.88
N SER A 2 9.46 18.22 -9.34
CA SER A 2 10.27 17.03 -9.60
C SER A 2 10.26 16.10 -8.39
N SER A 3 10.47 16.68 -7.21
CA SER A 3 10.50 15.90 -5.97
C SER A 3 9.09 15.60 -5.49
N GLY A 4 8.92 14.44 -4.85
CA GLY A 4 7.62 14.04 -4.35
C GLY A 4 7.27 14.72 -3.05
N SER A 5 6.90 13.93 -2.05
CA SER A 5 6.52 14.47 -0.75
C SER A 5 7.67 14.32 0.25
N SER A 6 8.31 15.44 0.58
CA SER A 6 9.42 15.43 1.52
C SER A 6 9.02 14.80 2.85
N GLY A 7 9.92 14.03 3.43
CA GLY A 7 9.63 13.37 4.70
C GLY A 7 10.89 12.87 5.39
N THR A 8 10.71 12.29 6.57
CA THR A 8 11.85 11.76 7.33
C THR A 8 11.57 10.34 7.82
N GLY A 9 12.60 9.52 7.84
CA GLY A 9 12.45 8.14 8.29
C GLY A 9 11.34 7.41 7.55
N GLU A 10 11.71 6.74 6.46
CA GLU A 10 10.74 6.00 5.66
C GLU A 10 10.21 4.80 6.42
N LYS A 11 8.90 4.62 6.41
CA LYS A 11 8.27 3.51 7.11
C LYS A 11 8.88 2.17 6.66
N PRO A 12 8.99 1.24 7.61
CA PRO A 12 9.55 -0.10 7.34
C PRO A 12 8.64 -0.95 6.47
N TYR A 13 7.33 -0.73 6.60
CA TYR A 13 6.35 -1.47 5.83
C TYR A 13 5.86 -0.66 4.63
N SER A 14 5.72 -1.32 3.49
CA SER A 14 5.26 -0.66 2.27
C SER A 14 4.44 -1.61 1.41
N CYS A 15 3.42 -1.07 0.76
CA CYS A 15 2.54 -1.87 -0.09
C CYS A 15 3.11 -1.96 -1.51
N ASN A 16 3.78 -3.08 -1.80
CA ASN A 16 4.36 -3.29 -3.11
C ASN A 16 3.32 -3.80 -4.11
N VAL A 17 2.13 -3.19 -4.07
CA VAL A 17 1.05 -3.59 -4.96
C VAL A 17 0.47 -2.37 -5.69
N CYS A 18 0.07 -1.37 -4.91
CA CYS A 18 -0.51 -0.15 -5.48
C CYS A 18 0.40 1.05 -5.21
N GLY A 19 0.87 1.16 -3.97
CA GLY A 19 1.74 2.26 -3.61
C GLY A 19 1.33 2.91 -2.30
N LYS A 20 1.54 2.20 -1.20
CA LYS A 20 1.20 2.71 0.12
C LYS A 20 2.31 2.43 1.12
N ALA A 21 2.15 2.94 2.34
CA ALA A 21 3.14 2.74 3.38
C ALA A 21 2.47 2.56 4.75
N PHE A 22 3.18 1.94 5.67
CA PHE A 22 2.67 1.71 7.02
C PHE A 22 3.80 1.61 8.03
N VAL A 23 3.53 2.08 9.25
CA VAL A 23 4.53 2.04 10.31
C VAL A 23 4.65 0.63 10.91
N LEU A 24 3.51 -0.01 11.10
CA LEU A 24 3.48 -1.37 11.66
C LEU A 24 3.15 -2.40 10.59
N SER A 25 3.20 -3.67 10.96
CA SER A 25 2.91 -4.75 10.03
C SER A 25 1.40 -4.99 9.93
N ALA A 26 0.75 -5.04 11.08
CA ALA A 26 -0.70 -5.25 11.13
C ALA A 26 -1.43 -4.27 10.22
N HIS A 27 -0.97 -3.03 10.21
CA HIS A 27 -1.58 -2.00 9.37
C HIS A 27 -1.46 -2.35 7.90
N LEU A 28 -0.28 -2.81 7.50
CA LEU A 28 -0.04 -3.18 6.10
C LEU A 28 -0.92 -4.35 5.69
N ASN A 29 -0.98 -5.38 6.53
CA ASN A 29 -1.80 -6.55 6.24
C ASN A 29 -3.23 -6.15 5.95
N GLN A 30 -3.83 -5.37 6.84
CA GLN A 30 -5.20 -4.92 6.67
C GLN A 30 -5.42 -4.33 5.29
N HIS A 31 -4.42 -3.60 4.79
CA HIS A 31 -4.50 -2.99 3.47
C HIS A 31 -4.37 -4.04 2.37
N LEU A 32 -3.24 -4.77 2.39
CA LEU A 32 -2.99 -5.80 1.39
C LEU A 32 -4.27 -6.55 1.04
N ARG A 33 -5.18 -6.63 2.01
CA ARG A 33 -6.46 -7.31 1.81
C ARG A 33 -7.12 -6.86 0.51
N VAL A 34 -7.30 -5.54 0.38
CA VAL A 34 -7.92 -4.98 -0.80
C VAL A 34 -7.33 -5.56 -2.08
N HIS A 35 -6.13 -6.13 -1.96
CA HIS A 35 -5.46 -6.73 -3.10
C HIS A 35 -5.63 -8.24 -3.10
N THR A 36 -5.30 -8.87 -1.98
CA THR A 36 -5.42 -10.32 -1.84
C THR A 36 -6.88 -10.74 -1.63
N GLN A 37 -7.76 -10.21 -2.46
CA GLN A 37 -9.19 -10.52 -2.36
C GLN A 37 -9.74 -10.96 -3.71
N GLU A 38 -10.60 -11.98 -3.69
CA GLU A 38 -11.20 -12.50 -4.91
C GLU A 38 -12.15 -11.48 -5.53
N THR A 39 -11.81 -11.01 -6.72
CA THR A 39 -12.64 -10.02 -7.41
C THR A 39 -12.26 -9.93 -8.89
N LEU A 40 -13.19 -9.48 -9.71
CA LEU A 40 -12.96 -9.34 -11.14
C LEU A 40 -12.61 -7.90 -11.50
N SER A 41 -11.61 -7.35 -10.83
CA SER A 41 -11.17 -5.98 -11.08
C SER A 41 -9.86 -5.96 -11.85
N GLY A 42 -8.87 -6.68 -11.33
CA GLY A 42 -7.57 -6.73 -11.99
C GLY A 42 -6.76 -7.93 -11.55
N PRO A 43 -5.43 -7.84 -11.72
CA PRO A 43 -4.51 -8.92 -11.35
C PRO A 43 -4.40 -9.11 -9.84
N SER A 44 -4.60 -10.33 -9.39
CA SER A 44 -4.53 -10.65 -7.97
C SER A 44 -3.10 -11.01 -7.56
N SER A 45 -2.89 -11.17 -6.26
CA SER A 45 -1.58 -11.52 -5.74
C SER A 45 -1.42 -13.04 -5.64
N GLY A 46 -2.54 -13.74 -5.60
CA GLY A 46 -2.50 -15.19 -5.51
C GLY A 46 -3.82 -15.77 -5.03
N GLY A 1 -6.42 18.18 -10.68
CA GLY A 1 -5.86 17.29 -11.68
C GLY A 1 -4.87 16.31 -11.08
N SER A 2 -5.36 15.43 -10.23
CA SER A 2 -4.51 14.43 -9.58
C SER A 2 -3.29 15.08 -8.95
N SER A 3 -3.51 16.23 -8.31
CA SER A 3 -2.43 16.96 -7.66
C SER A 3 -1.62 16.04 -6.74
N GLY A 4 -0.49 16.55 -6.25
CA GLY A 4 0.35 15.77 -5.36
C GLY A 4 0.71 16.51 -4.09
N SER A 5 -0.28 16.78 -3.26
CA SER A 5 -0.07 17.49 -2.01
C SER A 5 0.11 16.52 -0.85
N SER A 6 1.36 16.13 -0.60
CA SER A 6 1.66 15.19 0.48
C SER A 6 3.16 15.14 0.75
N GLY A 7 3.53 15.16 2.03
CA GLY A 7 4.92 15.12 2.41
C GLY A 7 5.56 13.76 2.13
N THR A 8 6.77 13.57 2.64
CA THR A 8 7.49 12.32 2.45
C THR A 8 8.16 11.87 3.75
N GLY A 9 8.26 10.56 3.93
CA GLY A 9 8.89 10.04 5.14
C GLY A 9 9.51 8.67 4.91
N GLU A 10 9.58 7.86 5.97
CA GLU A 10 10.16 6.53 5.88
C GLU A 10 9.38 5.54 6.75
N LYS A 11 9.11 4.36 6.20
CA LYS A 11 8.38 3.33 6.93
C LYS A 11 8.96 1.94 6.64
N PRO A 12 8.97 1.08 7.65
CA PRO A 12 9.48 -0.28 7.54
C PRO A 12 8.60 -1.17 6.67
N TYR A 13 7.31 -0.85 6.62
CA TYR A 13 6.35 -1.60 5.83
C TYR A 13 5.89 -0.81 4.61
N SER A 14 5.86 -1.48 3.46
CA SER A 14 5.44 -0.83 2.22
C SER A 14 4.67 -1.80 1.33
N CYS A 15 3.68 -1.28 0.61
CA CYS A 15 2.87 -2.10 -0.28
C CYS A 15 3.45 -2.12 -1.68
N ASN A 16 3.89 -3.29 -2.12
CA ASN A 16 4.47 -3.44 -3.45
C ASN A 16 3.41 -3.82 -4.48
N VAL A 17 2.23 -3.19 -4.37
CA VAL A 17 1.13 -3.47 -5.27
C VAL A 17 0.58 -2.18 -5.87
N CYS A 18 0.14 -1.27 -5.00
CA CYS A 18 -0.41 0.00 -5.44
C CYS A 18 0.56 1.14 -5.14
N GLY A 19 1.14 1.13 -3.94
CA GLY A 19 2.08 2.17 -3.56
C GLY A 19 1.69 2.83 -2.26
N LYS A 20 1.78 2.09 -1.16
CA LYS A 20 1.44 2.61 0.15
C LYS A 20 2.54 2.31 1.17
N ALA A 21 2.41 2.88 2.35
CA ALA A 21 3.40 2.67 3.41
C ALA A 21 2.74 2.65 4.78
N PHE A 22 3.31 1.86 5.69
CA PHE A 22 2.77 1.74 7.04
C PHE A 22 3.90 1.63 8.07
N VAL A 23 3.62 2.03 9.30
CA VAL A 23 4.60 1.98 10.37
C VAL A 23 4.64 0.60 11.01
N LEU A 24 3.46 0.00 11.18
CA LEU A 24 3.36 -1.33 11.78
C LEU A 24 3.08 -2.38 10.72
N SER A 25 3.19 -3.65 11.11
CA SER A 25 2.95 -4.76 10.19
C SER A 25 1.46 -4.99 9.99
N ALA A 26 0.71 -5.00 11.09
CA ALA A 26 -0.72 -5.21 11.04
C ALA A 26 -1.38 -4.25 10.05
N HIS A 27 -1.02 -2.98 10.15
CA HIS A 27 -1.57 -1.95 9.26
C HIS A 27 -1.39 -2.34 7.80
N LEU A 28 -0.18 -2.77 7.45
CA LEU A 28 0.14 -3.18 6.09
C LEU A 28 -0.71 -4.38 5.67
N ASN A 29 -0.76 -5.39 6.53
CA ASN A 29 -1.53 -6.59 6.25
C ASN A 29 -2.98 -6.25 5.92
N GLN A 30 -3.63 -5.51 6.81
CA GLN A 30 -5.01 -5.11 6.61
C GLN A 30 -5.21 -4.49 5.23
N HIS A 31 -4.24 -3.68 4.81
CA HIS A 31 -4.30 -3.02 3.51
C HIS A 31 -4.39 -4.04 2.39
N LEU A 32 -3.54 -5.06 2.46
CA LEU A 32 -3.51 -6.12 1.44
C LEU A 32 -4.90 -6.70 1.22
N ARG A 33 -5.74 -6.60 2.25
CA ARG A 33 -7.11 -7.12 2.18
C ARG A 33 -7.83 -6.56 0.95
N VAL A 34 -7.38 -5.39 0.49
CA VAL A 34 -7.99 -4.75 -0.67
C VAL A 34 -7.44 -5.34 -1.97
N HIS A 35 -6.23 -5.88 -1.90
CA HIS A 35 -5.59 -6.47 -3.07
C HIS A 35 -5.88 -7.96 -3.15
N THR A 36 -5.51 -8.68 -2.10
CA THR A 36 -5.73 -10.12 -2.05
C THR A 36 -7.02 -10.51 -2.74
N GLN A 37 -8.05 -9.68 -2.58
CA GLN A 37 -9.34 -9.93 -3.20
C GLN A 37 -9.26 -9.84 -4.72
N GLU A 38 -9.57 -10.93 -5.40
CA GLU A 38 -9.53 -10.98 -6.85
C GLU A 38 -10.01 -9.66 -7.45
N THR A 39 -9.23 -9.12 -8.39
CA THR A 39 -9.58 -7.87 -9.04
C THR A 39 -9.79 -8.07 -10.54
N LEU A 40 -8.85 -8.75 -11.18
CA LEU A 40 -8.93 -9.01 -12.62
C LEU A 40 -8.87 -10.50 -12.90
N SER A 41 -9.63 -10.93 -13.91
CA SER A 41 -9.66 -12.34 -14.29
C SER A 41 -8.50 -12.69 -15.22
N GLY A 42 -7.67 -13.64 -14.80
CA GLY A 42 -6.53 -14.04 -15.60
C GLY A 42 -5.50 -14.80 -14.80
N PRO A 43 -5.72 -16.12 -14.64
CA PRO A 43 -4.81 -16.98 -13.89
C PRO A 43 -3.48 -17.20 -14.60
N SER A 44 -2.43 -17.44 -13.84
CA SER A 44 -1.10 -17.67 -14.41
C SER A 44 -0.76 -19.15 -14.43
N SER A 45 0.21 -19.52 -15.26
CA SER A 45 0.64 -20.90 -15.37
C SER A 45 1.65 -21.26 -14.29
N GLY A 46 1.33 -22.27 -13.49
CA GLY A 46 2.22 -22.69 -12.42
C GLY A 46 2.26 -24.20 -12.26
N GLY A 1 -8.61 17.51 5.13
CA GLY A 1 -8.19 16.61 4.07
C GLY A 1 -6.68 16.56 3.92
N SER A 2 -6.10 17.66 3.44
CA SER A 2 -4.66 17.73 3.24
C SER A 2 -3.94 17.86 4.57
N SER A 3 -3.63 16.72 5.20
CA SER A 3 -2.94 16.71 6.48
C SER A 3 -1.46 17.02 6.30
N GLY A 4 -0.88 16.53 5.21
CA GLY A 4 0.53 16.77 4.95
C GLY A 4 1.06 15.91 3.82
N SER A 5 1.65 16.54 2.81
CA SER A 5 2.20 15.81 1.67
C SER A 5 3.12 14.69 2.13
N SER A 6 4.19 15.07 2.83
CA SER A 6 5.16 14.10 3.32
C SER A 6 6.19 14.77 4.22
N GLY A 7 6.78 14.00 5.13
CA GLY A 7 7.78 14.53 6.03
C GLY A 7 7.75 13.88 7.39
N THR A 8 7.56 12.56 7.41
CA THR A 8 7.51 11.80 8.66
C THR A 8 8.42 10.58 8.60
N GLY A 9 9.60 10.76 7.99
CA GLY A 9 10.54 9.66 7.89
C GLY A 9 10.06 8.57 6.95
N GLU A 10 10.91 7.57 6.73
CA GLU A 10 10.56 6.46 5.84
C GLU A 10 10.05 5.27 6.64
N LYS A 11 8.81 4.88 6.39
CA LYS A 11 8.19 3.75 7.08
C LYS A 11 8.88 2.44 6.69
N PRO A 12 9.00 1.53 7.66
CA PRO A 12 9.63 0.22 7.45
C PRO A 12 8.78 -0.69 6.56
N TYR A 13 7.47 -0.55 6.67
CA TYR A 13 6.55 -1.37 5.87
C TYR A 13 6.05 -0.60 4.65
N SER A 14 5.88 -1.31 3.55
CA SER A 14 5.42 -0.71 2.31
C SER A 14 4.63 -1.70 1.47
N CYS A 15 3.63 -1.21 0.76
CA CYS A 15 2.79 -2.06 -0.09
C CYS A 15 3.39 -2.17 -1.50
N ASN A 16 3.81 -3.38 -1.85
CA ASN A 16 4.39 -3.62 -3.16
C ASN A 16 3.33 -4.08 -4.15
N VAL A 17 2.15 -3.46 -4.08
CA VAL A 17 1.05 -3.80 -4.97
C VAL A 17 0.51 -2.56 -5.68
N CYS A 18 0.07 -1.58 -4.89
CA CYS A 18 -0.47 -0.34 -5.45
C CYS A 18 0.46 0.83 -5.14
N GLY A 19 1.00 0.85 -3.92
CA GLY A 19 1.89 1.93 -3.53
C GLY A 19 1.45 2.62 -2.25
N LYS A 20 1.72 1.98 -1.12
CA LYS A 20 1.34 2.53 0.18
C LYS A 20 2.45 2.31 1.21
N ALA A 21 2.28 2.92 2.38
CA ALA A 21 3.27 2.80 3.45
C ALA A 21 2.59 2.61 4.79
N PHE A 22 3.26 1.90 5.69
CA PHE A 22 2.71 1.64 7.03
C PHE A 22 3.83 1.57 8.06
N VAL A 23 3.53 2.00 9.29
CA VAL A 23 4.51 1.98 10.36
C VAL A 23 4.62 0.58 10.97
N LEU A 24 3.49 -0.10 11.10
CA LEU A 24 3.47 -1.45 11.66
C LEU A 24 3.17 -2.48 10.59
N SER A 25 3.26 -3.75 10.96
CA SER A 25 2.99 -4.85 10.02
C SER A 25 1.50 -5.10 9.89
N ALA A 26 0.80 -5.10 11.02
CA ALA A 26 -0.63 -5.32 11.03
C ALA A 26 -1.35 -4.37 10.08
N HIS A 27 -0.96 -3.10 10.13
CA HIS A 27 -1.57 -2.08 9.26
C HIS A 27 -1.37 -2.44 7.79
N LEU A 28 -0.13 -2.79 7.44
CA LEU A 28 0.19 -3.15 6.06
C LEU A 28 -0.69 -4.29 5.57
N ASN A 29 -0.80 -5.34 6.38
CA ASN A 29 -1.62 -6.50 6.03
C ASN A 29 -3.07 -6.08 5.78
N GLN A 30 -3.68 -5.46 6.79
CA GLN A 30 -5.07 -5.01 6.67
C GLN A 30 -5.33 -4.38 5.31
N HIS A 31 -4.28 -3.78 4.73
CA HIS A 31 -4.40 -3.14 3.43
C HIS A 31 -4.40 -4.17 2.32
N LEU A 32 -3.39 -5.03 2.31
CA LEU A 32 -3.28 -6.06 1.29
C LEU A 32 -4.64 -6.63 0.93
N ARG A 33 -5.51 -6.77 1.92
CA ARG A 33 -6.85 -7.29 1.71
C ARG A 33 -7.51 -6.61 0.51
N VAL A 34 -7.51 -5.28 0.52
CA VAL A 34 -8.12 -4.52 -0.56
C VAL A 34 -7.69 -5.05 -1.92
N HIS A 35 -6.53 -5.70 -1.96
CA HIS A 35 -6.02 -6.26 -3.20
C HIS A 35 -6.46 -7.71 -3.36
N THR A 36 -7.73 -7.98 -3.06
CA THR A 36 -8.27 -9.33 -3.17
C THR A 36 -9.38 -9.39 -4.20
N GLN A 37 -10.14 -8.30 -4.33
CA GLN A 37 -11.23 -8.24 -5.28
C GLN A 37 -10.72 -7.81 -6.66
N GLU A 38 -10.16 -6.61 -6.72
CA GLU A 38 -9.64 -6.08 -7.99
C GLU A 38 -8.18 -6.51 -8.20
N THR A 39 -7.68 -6.31 -9.41
CA THR A 39 -6.31 -6.67 -9.74
C THR A 39 -5.69 -5.65 -10.69
N LEU A 40 -4.48 -5.22 -10.36
CA LEU A 40 -3.77 -4.24 -11.18
C LEU A 40 -2.47 -4.82 -11.72
N SER A 41 -2.52 -6.10 -12.11
CA SER A 41 -1.36 -6.79 -12.64
C SER A 41 -1.75 -7.74 -13.77
N GLY A 42 -0.82 -7.96 -14.69
CA GLY A 42 -1.09 -8.85 -15.81
C GLY A 42 -0.55 -10.25 -15.58
N PRO A 43 -1.24 -11.26 -16.13
CA PRO A 43 -0.84 -12.67 -16.00
C PRO A 43 0.44 -12.98 -16.77
N SER A 44 1.43 -13.53 -16.08
CA SER A 44 2.70 -13.88 -16.71
C SER A 44 2.93 -15.38 -16.65
N SER A 45 3.45 -15.94 -17.75
CA SER A 45 3.72 -17.36 -17.84
C SER A 45 4.54 -17.83 -16.63
N GLY A 46 5.61 -17.11 -16.34
CA GLY A 46 6.47 -17.46 -15.21
C GLY A 46 7.38 -18.63 -15.53
N GLY A 1 -1.10 31.88 -6.29
CA GLY A 1 -0.06 31.05 -5.71
C GLY A 1 -0.62 29.99 -4.77
N SER A 2 -0.01 28.82 -4.77
CA SER A 2 -0.46 27.72 -3.92
C SER A 2 0.72 27.08 -3.20
N SER A 3 0.43 26.36 -2.12
CA SER A 3 1.47 25.69 -1.35
C SER A 3 0.86 24.64 -0.42
N GLY A 4 1.72 23.87 0.23
CA GLY A 4 1.25 22.83 1.15
C GLY A 4 2.29 22.47 2.18
N SER A 5 2.05 21.37 2.90
CA SER A 5 2.96 20.91 3.94
C SER A 5 3.29 19.43 3.76
N SER A 6 4.57 19.12 3.78
CA SER A 6 5.01 17.73 3.62
C SER A 6 6.40 17.53 4.21
N GLY A 7 6.52 16.62 5.17
CA GLY A 7 7.79 16.35 5.80
C GLY A 7 7.77 15.09 6.64
N THR A 8 8.49 14.06 6.19
CA THR A 8 8.54 12.79 6.90
C THR A 8 9.83 12.04 6.59
N GLY A 9 10.05 10.93 7.28
CA GLY A 9 11.25 10.15 7.07
C GLY A 9 11.01 8.96 6.15
N GLU A 10 10.54 7.86 6.72
CA GLU A 10 10.26 6.65 5.94
C GLU A 10 9.57 5.60 6.80
N LYS A 11 8.96 4.62 6.14
CA LYS A 11 8.26 3.55 6.84
C LYS A 11 8.88 2.19 6.53
N PRO A 12 8.91 1.31 7.53
CA PRO A 12 9.48 -0.04 7.39
C PRO A 12 8.63 -0.93 6.51
N TYR A 13 7.32 -0.69 6.50
CA TYR A 13 6.40 -1.48 5.69
C TYR A 13 5.91 -0.68 4.49
N SER A 14 5.82 -1.34 3.35
CA SER A 14 5.38 -0.70 2.12
C SER A 14 4.62 -1.68 1.23
N CYS A 15 3.51 -1.22 0.65
CA CYS A 15 2.70 -2.06 -0.23
C CYS A 15 3.30 -2.12 -1.62
N ASN A 16 3.91 -3.25 -1.96
CA ASN A 16 4.51 -3.44 -3.27
C ASN A 16 3.48 -3.91 -4.29
N VAL A 17 2.30 -3.31 -4.23
CA VAL A 17 1.22 -3.67 -5.15
C VAL A 17 0.61 -2.43 -5.79
N CYS A 18 0.20 -1.48 -4.94
CA CYS A 18 -0.41 -0.25 -5.42
C CYS A 18 0.47 0.95 -5.11
N GLY A 19 1.08 0.95 -3.92
CA GLY A 19 1.94 2.03 -3.52
C GLY A 19 1.52 2.66 -2.20
N LYS A 20 1.74 1.95 -1.11
CA LYS A 20 1.38 2.44 0.21
C LYS A 20 2.52 2.21 1.21
N ALA A 21 2.38 2.80 2.39
CA ALA A 21 3.40 2.65 3.44
C ALA A 21 2.76 2.63 4.82
N PHE A 22 3.31 1.79 5.71
CA PHE A 22 2.80 1.67 7.06
C PHE A 22 3.94 1.57 8.07
N VAL A 23 3.66 1.95 9.31
CA VAL A 23 4.66 1.90 10.38
C VAL A 23 4.71 0.52 11.02
N LEU A 24 3.55 -0.13 11.09
CA LEU A 24 3.46 -1.45 11.69
C LEU A 24 3.13 -2.50 10.63
N SER A 25 3.18 -3.78 11.04
CA SER A 25 2.90 -4.88 10.12
C SER A 25 1.39 -5.06 9.96
N ALA A 26 0.67 -5.10 11.07
CA ALA A 26 -0.78 -5.26 11.05
C ALA A 26 -1.43 -4.26 10.12
N HIS A 27 -0.96 -3.01 10.17
CA HIS A 27 -1.49 -1.94 9.33
C HIS A 27 -1.36 -2.30 7.85
N LEU A 28 -0.18 -2.77 7.47
CA LEU A 28 0.07 -3.15 6.08
C LEU A 28 -0.76 -4.35 5.68
N ASN A 29 -0.82 -5.34 6.57
CA ASN A 29 -1.59 -6.56 6.31
C ASN A 29 -3.04 -6.22 5.96
N GLN A 30 -3.70 -5.50 6.86
CA GLN A 30 -5.10 -5.11 6.64
C GLN A 30 -5.29 -4.54 5.25
N HIS A 31 -4.39 -3.66 4.85
CA HIS A 31 -4.46 -3.03 3.53
C HIS A 31 -4.44 -4.09 2.42
N LEU A 32 -3.43 -4.95 2.45
CA LEU A 32 -3.29 -6.00 1.45
C LEU A 32 -4.65 -6.59 1.09
N ARG A 33 -5.57 -6.58 2.05
CA ARG A 33 -6.91 -7.12 1.83
C ARG A 33 -7.52 -6.53 0.57
N VAL A 34 -7.46 -5.20 0.45
CA VAL A 34 -8.02 -4.51 -0.71
C VAL A 34 -7.52 -5.14 -2.00
N HIS A 35 -6.40 -5.86 -1.93
CA HIS A 35 -5.83 -6.51 -3.09
C HIS A 35 -6.15 -8.00 -3.10
N THR A 36 -7.41 -8.33 -2.83
CA THR A 36 -7.85 -9.72 -2.80
C THR A 36 -8.64 -10.07 -4.06
N GLN A 37 -9.20 -9.06 -4.70
CA GLN A 37 -9.98 -9.26 -5.92
C GLN A 37 -9.50 -8.34 -7.03
N GLU A 38 -9.56 -8.83 -8.27
CA GLU A 38 -9.13 -8.04 -9.43
C GLU A 38 -9.44 -6.56 -9.22
N THR A 39 -8.52 -5.70 -9.64
CA THR A 39 -8.69 -4.27 -9.51
C THR A 39 -9.02 -3.62 -10.85
N LEU A 40 -9.76 -2.51 -10.81
CA LEU A 40 -10.13 -1.80 -12.03
C LEU A 40 -11.10 -2.63 -12.87
N SER A 41 -12.15 -3.13 -12.22
CA SER A 41 -13.15 -3.95 -12.91
C SER A 41 -14.42 -3.14 -13.18
N GLY A 42 -14.41 -2.39 -14.28
CA GLY A 42 -15.56 -1.57 -14.63
C GLY A 42 -15.17 -0.26 -15.28
N PRO A 43 -15.08 0.80 -14.46
CA PRO A 43 -14.71 2.13 -14.94
C PRO A 43 -13.25 2.22 -15.37
N SER A 44 -13.02 2.20 -16.68
CA SER A 44 -11.67 2.28 -17.22
C SER A 44 -11.55 3.42 -18.24
N SER A 45 -10.52 4.24 -18.07
CA SER A 45 -10.29 5.37 -18.97
C SER A 45 -9.90 4.89 -20.35
N GLY A 46 -10.30 5.64 -21.37
CA GLY A 46 -9.99 5.27 -22.74
C GLY A 46 -9.69 6.48 -23.60
N GLY A 1 3.46 21.71 -12.69
CA GLY A 1 3.75 20.44 -12.04
C GLY A 1 4.20 20.61 -10.61
N SER A 2 3.33 20.26 -9.67
CA SER A 2 3.66 20.38 -8.25
C SER A 2 3.83 19.00 -7.61
N SER A 3 4.98 18.80 -6.97
CA SER A 3 5.27 17.53 -6.32
C SER A 3 6.22 17.73 -5.14
N GLY A 4 5.98 16.98 -4.08
CA GLY A 4 6.83 17.09 -2.89
C GLY A 4 7.63 15.83 -2.64
N SER A 5 8.90 15.99 -2.32
CA SER A 5 9.78 14.87 -2.05
C SER A 5 10.01 14.69 -0.55
N SER A 6 8.94 14.84 0.22
CA SER A 6 9.02 14.70 1.67
C SER A 6 8.95 13.23 2.08
N GLY A 7 10.11 12.56 2.04
CA GLY A 7 10.16 11.16 2.41
C GLY A 7 11.14 10.90 3.54
N THR A 8 10.84 11.46 4.71
CA THR A 8 11.70 11.29 5.88
C THR A 8 11.25 10.09 6.71
N GLY A 9 9.94 9.95 6.89
CA GLY A 9 9.41 8.85 7.66
C GLY A 9 10.07 7.52 7.31
N GLU A 10 10.16 7.23 6.02
CA GLU A 10 10.77 5.99 5.55
C GLU A 10 10.18 4.79 6.30
N LYS A 11 8.87 4.81 6.48
CA LYS A 11 8.18 3.72 7.17
C LYS A 11 8.84 2.38 6.87
N PRO A 12 8.87 1.51 7.88
CA PRO A 12 9.48 0.17 7.75
C PRO A 12 8.66 -0.74 6.84
N TYR A 13 7.36 -0.47 6.74
CA TYR A 13 6.47 -1.27 5.91
C TYR A 13 6.03 -0.48 4.68
N SER A 14 5.74 -1.21 3.59
CA SER A 14 5.31 -0.58 2.36
C SER A 14 4.60 -1.59 1.46
N CYS A 15 3.62 -1.10 0.70
CA CYS A 15 2.86 -1.97 -0.21
C CYS A 15 3.37 -1.82 -1.64
N ASN A 16 3.79 -2.94 -2.23
CA ASN A 16 4.29 -2.94 -3.59
C ASN A 16 3.17 -3.16 -4.59
N VAL A 17 2.05 -3.70 -4.10
CA VAL A 17 0.90 -3.96 -4.95
C VAL A 17 0.39 -2.68 -5.62
N CYS A 18 0.05 -1.70 -4.80
CA CYS A 18 -0.44 -0.42 -5.31
C CYS A 18 0.55 0.70 -5.02
N GLY A 19 1.17 0.64 -3.84
CA GLY A 19 2.14 1.66 -3.46
C GLY A 19 1.71 2.44 -2.24
N LYS A 20 1.87 1.83 -1.06
CA LYS A 20 1.50 2.47 0.19
C LYS A 20 2.62 2.34 1.22
N ALA A 21 2.39 2.91 2.40
CA ALA A 21 3.37 2.85 3.47
C ALA A 21 2.69 2.74 4.84
N PHE A 22 3.21 1.85 5.67
CA PHE A 22 2.65 1.63 7.01
C PHE A 22 3.76 1.59 8.06
N VAL A 23 3.42 1.99 9.28
CA VAL A 23 4.37 2.00 10.38
C VAL A 23 4.52 0.60 10.99
N LEU A 24 3.39 -0.09 11.13
CA LEU A 24 3.39 -1.44 11.71
C LEU A 24 3.12 -2.49 10.63
N SER A 25 3.23 -3.75 11.02
CA SER A 25 2.99 -4.85 10.08
C SER A 25 1.50 -5.07 9.87
N ALA A 26 0.75 -5.09 10.96
CA ALA A 26 -0.69 -5.30 10.90
C ALA A 26 -1.35 -4.31 9.95
N HIS A 27 -0.96 -3.03 10.07
CA HIS A 27 -1.51 -1.98 9.23
C HIS A 27 -1.31 -2.32 7.75
N LEU A 28 -0.13 -2.80 7.42
CA LEU A 28 0.19 -3.16 6.04
C LEU A 28 -0.63 -4.37 5.59
N ASN A 29 -0.65 -5.40 6.43
CA ASN A 29 -1.39 -6.62 6.12
C ASN A 29 -2.87 -6.31 5.90
N GLN A 30 -3.47 -5.61 6.84
CA GLN A 30 -4.87 -5.25 6.76
C GLN A 30 -5.18 -4.57 5.43
N HIS A 31 -4.23 -3.80 4.92
CA HIS A 31 -4.39 -3.10 3.65
C HIS A 31 -4.47 -4.09 2.50
N LEU A 32 -3.45 -4.94 2.39
CA LEU A 32 -3.40 -5.93 1.31
C LEU A 32 -4.80 -6.46 0.99
N ARG A 33 -5.64 -6.53 2.01
CA ARG A 33 -7.00 -7.01 1.84
C ARG A 33 -7.60 -6.50 0.53
N VAL A 34 -7.61 -5.18 0.36
CA VAL A 34 -8.15 -4.56 -0.84
C VAL A 34 -7.66 -5.28 -2.09
N HIS A 35 -6.41 -5.72 -2.07
CA HIS A 35 -5.81 -6.42 -3.19
C HIS A 35 -6.11 -7.91 -3.13
N THR A 36 -7.35 -8.25 -2.81
CA THR A 36 -7.77 -9.65 -2.71
C THR A 36 -8.61 -10.07 -3.91
N GLN A 37 -9.30 -9.10 -4.51
CA GLN A 37 -10.13 -9.36 -5.67
C GLN A 37 -9.30 -9.90 -6.83
N GLU A 38 -9.92 -10.71 -7.68
CA GLU A 38 -9.23 -11.28 -8.83
C GLU A 38 -9.12 -10.27 -9.96
N THR A 39 -7.89 -9.85 -10.25
CA THR A 39 -7.64 -8.88 -11.30
C THR A 39 -8.77 -7.84 -11.38
N LEU A 40 -9.20 -7.38 -10.22
CA LEU A 40 -10.28 -6.38 -10.15
C LEU A 40 -11.43 -6.77 -11.06
N SER A 41 -11.93 -7.99 -10.88
CA SER A 41 -13.05 -8.48 -11.69
C SER A 41 -14.38 -7.92 -11.19
N GLY A 42 -14.83 -6.84 -11.80
CA GLY A 42 -16.08 -6.23 -11.41
C GLY A 42 -16.89 -5.75 -12.59
N PRO A 43 -16.75 -4.46 -12.93
CA PRO A 43 -17.47 -3.84 -14.05
C PRO A 43 -16.98 -4.36 -15.41
N SER A 44 -17.92 -4.74 -16.26
CA SER A 44 -17.59 -5.25 -17.58
C SER A 44 -16.94 -4.17 -18.44
N SER A 45 -16.41 -4.57 -19.60
CA SER A 45 -15.77 -3.64 -20.51
C SER A 45 -16.80 -2.84 -21.30
N GLY A 46 -16.52 -1.56 -21.51
CA GLY A 46 -17.43 -0.70 -22.24
C GLY A 46 -17.87 -1.33 -23.56
N GLY A 1 -3.89 23.25 -2.96
CA GLY A 1 -3.32 22.05 -2.38
C GLY A 1 -3.74 21.84 -0.94
N SER A 2 -3.20 20.80 -0.31
CA SER A 2 -3.52 20.49 1.07
C SER A 2 -2.61 19.40 1.62
N SER A 3 -1.77 19.77 2.59
CA SER A 3 -0.83 18.83 3.18
C SER A 3 -0.36 19.33 4.55
N GLY A 4 0.44 18.51 5.23
CA GLY A 4 0.95 18.89 6.53
C GLY A 4 1.27 17.69 7.39
N SER A 5 2.41 17.06 7.13
CA SER A 5 2.82 15.89 7.89
C SER A 5 4.30 15.99 8.30
N SER A 6 4.67 15.25 9.34
CA SER A 6 6.04 15.26 9.82
C SER A 6 6.58 13.84 9.99
N GLY A 7 6.34 13.01 8.98
CA GLY A 7 6.80 11.63 9.04
C GLY A 7 8.29 11.51 8.71
N THR A 8 9.11 12.25 9.45
CA THR A 8 10.55 12.22 9.23
C THR A 8 11.04 10.80 9.01
N GLY A 9 11.91 10.63 8.03
CA GLY A 9 12.45 9.31 7.72
C GLY A 9 11.59 8.55 6.72
N GLU A 10 11.21 7.33 7.08
CA GLU A 10 10.39 6.50 6.21
C GLU A 10 9.84 5.30 6.97
N LYS A 11 8.71 4.79 6.51
CA LYS A 11 8.07 3.63 7.14
C LYS A 11 8.75 2.33 6.71
N PRO A 12 8.85 1.37 7.65
CA PRO A 12 9.47 0.08 7.39
C PRO A 12 8.63 -0.79 6.46
N TYR A 13 7.32 -0.75 6.64
CA TYR A 13 6.41 -1.53 5.81
C TYR A 13 5.89 -0.71 4.64
N SER A 14 5.73 -1.36 3.49
CA SER A 14 5.24 -0.68 2.30
C SER A 14 4.63 -1.69 1.32
N CYS A 15 3.58 -1.26 0.62
CA CYS A 15 2.90 -2.12 -0.34
C CYS A 15 3.49 -1.93 -1.74
N ASN A 16 3.51 -3.01 -2.51
CA ASN A 16 4.05 -2.97 -3.87
C ASN A 16 2.92 -3.00 -4.90
N VAL A 17 1.83 -3.67 -4.56
CA VAL A 17 0.69 -3.78 -5.45
C VAL A 17 0.26 -2.41 -5.97
N CYS A 18 -0.07 -1.51 -5.04
CA CYS A 18 -0.49 -0.16 -5.41
C CYS A 18 0.58 0.86 -5.03
N GLY A 19 1.30 0.58 -3.95
CA GLY A 19 2.35 1.49 -3.52
C GLY A 19 1.93 2.31 -2.31
N LYS A 20 1.97 1.69 -1.14
CA LYS A 20 1.59 2.36 0.10
C LYS A 20 2.68 2.20 1.17
N ALA A 21 2.46 2.81 2.32
CA ALA A 21 3.42 2.73 3.42
C ALA A 21 2.71 2.64 4.77
N PHE A 22 3.25 1.83 5.67
CA PHE A 22 2.66 1.65 6.98
C PHE A 22 3.75 1.62 8.06
N VAL A 23 3.39 2.10 9.26
CA VAL A 23 4.34 2.13 10.37
C VAL A 23 4.54 0.75 10.96
N LEU A 24 3.43 0.03 11.17
CA LEU A 24 3.48 -1.31 11.74
C LEU A 24 3.20 -2.36 10.67
N SER A 25 3.28 -3.63 11.06
CA SER A 25 3.04 -4.73 10.14
C SER A 25 1.54 -4.99 9.99
N ALA A 26 0.84 -5.05 11.12
CA ALA A 26 -0.60 -5.28 11.10
C ALA A 26 -1.31 -4.31 10.18
N HIS A 27 -0.95 -3.03 10.27
CA HIS A 27 -1.56 -2.00 9.44
C HIS A 27 -1.41 -2.34 7.96
N LEU A 28 -0.20 -2.72 7.56
CA LEU A 28 0.07 -3.08 6.17
C LEU A 28 -0.74 -4.30 5.75
N ASN A 29 -0.68 -5.34 6.57
CA ASN A 29 -1.41 -6.57 6.28
C ASN A 29 -2.87 -6.28 5.99
N GLN A 30 -3.51 -5.52 6.88
CA GLN A 30 -4.91 -5.17 6.70
C GLN A 30 -5.17 -4.60 5.31
N HIS A 31 -4.28 -3.73 4.86
CA HIS A 31 -4.41 -3.11 3.54
C HIS A 31 -4.42 -4.18 2.45
N LEU A 32 -3.47 -5.10 2.51
CA LEU A 32 -3.36 -6.17 1.53
C LEU A 32 -4.74 -6.68 1.13
N ARG A 33 -5.69 -6.58 2.07
CA ARG A 33 -7.06 -7.03 1.82
C ARG A 33 -7.59 -6.45 0.51
N VAL A 34 -7.47 -5.14 0.35
CA VAL A 34 -7.94 -4.46 -0.85
C VAL A 34 -7.41 -5.14 -2.11
N HIS A 35 -6.32 -5.89 -1.95
CA HIS A 35 -5.72 -6.59 -3.08
C HIS A 35 -6.03 -8.09 -3.02
N THR A 36 -5.42 -8.77 -2.06
CA THR A 36 -5.63 -10.20 -1.89
C THR A 36 -5.62 -10.91 -3.24
N GLN A 37 -4.80 -10.43 -4.15
CA GLN A 37 -4.69 -11.03 -5.48
C GLN A 37 -3.24 -11.37 -5.82
N GLU A 38 -3.06 -12.20 -6.84
CA GLU A 38 -1.72 -12.61 -7.25
C GLU A 38 -1.64 -12.69 -8.77
N THR A 39 -0.42 -12.90 -9.27
CA THR A 39 -0.20 -13.00 -10.71
C THR A 39 0.58 -14.26 -11.07
N LEU A 40 -0.01 -15.09 -11.92
CA LEU A 40 0.63 -16.34 -12.33
C LEU A 40 1.63 -16.10 -13.45
N SER A 41 2.85 -15.74 -13.07
CA SER A 41 3.91 -15.47 -14.05
C SER A 41 5.17 -16.26 -13.71
N GLY A 42 4.99 -17.52 -13.32
CA GLY A 42 6.11 -18.36 -12.97
C GLY A 42 5.94 -19.79 -13.46
N PRO A 43 7.05 -20.43 -13.84
CA PRO A 43 7.04 -21.82 -14.33
C PRO A 43 6.72 -22.82 -13.22
N SER A 44 5.91 -23.82 -13.56
CA SER A 44 5.53 -24.84 -12.60
C SER A 44 6.73 -25.29 -11.77
N SER A 45 6.78 -24.85 -10.52
CA SER A 45 7.87 -25.20 -9.62
C SER A 45 7.41 -25.21 -8.17
N GLY A 46 8.27 -25.70 -7.28
CA GLY A 46 7.93 -25.77 -5.88
C GLY A 46 7.08 -26.98 -5.54
N GLY A 1 -2.46 25.99 11.76
CA GLY A 1 -1.72 25.15 10.82
C GLY A 1 -1.27 23.84 11.44
N SER A 2 -0.57 23.03 10.66
CA SER A 2 -0.08 21.74 11.15
C SER A 2 1.11 21.92 12.08
N SER A 3 1.34 20.92 12.93
CA SER A 3 2.46 20.97 13.88
C SER A 3 3.53 19.96 13.51
N GLY A 4 4.76 20.23 13.91
CA GLY A 4 5.86 19.33 13.61
C GLY A 4 6.85 19.93 12.63
N SER A 5 8.01 20.34 13.13
CA SER A 5 9.04 20.94 12.28
C SER A 5 10.13 19.92 11.96
N SER A 6 10.38 19.01 12.90
CA SER A 6 11.40 17.99 12.72
C SER A 6 10.87 16.61 13.12
N GLY A 7 10.19 15.96 12.19
CA GLY A 7 9.64 14.64 12.47
C GLY A 7 9.29 13.88 11.21
N THR A 8 10.22 13.86 10.26
CA THR A 8 10.01 13.15 8.99
C THR A 8 10.93 11.95 8.87
N GLY A 9 10.60 11.04 7.95
CA GLY A 9 11.41 9.86 7.75
C GLY A 9 10.79 8.90 6.75
N GLU A 10 11.00 7.61 6.97
CA GLU A 10 10.46 6.59 6.08
C GLU A 10 9.92 5.40 6.87
N LYS A 11 8.81 4.85 6.41
CA LYS A 11 8.19 3.70 7.07
C LYS A 11 8.86 2.40 6.65
N PRO A 12 8.97 1.46 7.60
CA PRO A 12 9.59 0.15 7.36
C PRO A 12 8.74 -0.72 6.45
N TYR A 13 7.42 -0.64 6.62
CA TYR A 13 6.50 -1.44 5.82
C TYR A 13 6.00 -0.64 4.61
N SER A 14 5.71 -1.35 3.52
CA SER A 14 5.23 -0.71 2.31
C SER A 14 4.62 -1.74 1.36
N CYS A 15 3.63 -1.30 0.58
CA CYS A 15 2.97 -2.18 -0.37
C CYS A 15 3.52 -2.00 -1.78
N ASN A 16 3.53 -3.07 -2.56
CA ASN A 16 4.04 -3.03 -3.92
C ASN A 16 2.90 -3.06 -4.92
N VAL A 17 1.78 -3.66 -4.53
CA VAL A 17 0.61 -3.77 -5.40
C VAL A 17 0.21 -2.40 -5.92
N CYS A 18 -0.11 -1.49 -5.01
CA CYS A 18 -0.52 -0.14 -5.37
C CYS A 18 0.57 0.88 -5.01
N GLY A 19 1.26 0.63 -3.92
CA GLY A 19 2.31 1.52 -3.48
C GLY A 19 1.93 2.33 -2.26
N LYS A 20 1.89 1.67 -1.11
CA LYS A 20 1.53 2.34 0.14
C LYS A 20 2.62 2.17 1.19
N ALA A 21 2.45 2.81 2.34
CA ALA A 21 3.41 2.72 3.42
C ALA A 21 2.72 2.64 4.78
N PHE A 22 3.30 1.87 5.69
CA PHE A 22 2.74 1.70 7.02
C PHE A 22 3.85 1.63 8.07
N VAL A 23 3.51 2.02 9.30
CA VAL A 23 4.48 2.00 10.40
C VAL A 23 4.59 0.60 11.00
N LEU A 24 3.44 -0.03 11.22
CA LEU A 24 3.41 -1.38 11.79
C LEU A 24 3.09 -2.42 10.73
N SER A 25 3.22 -3.69 11.09
CA SER A 25 2.95 -4.78 10.16
C SER A 25 1.45 -5.01 10.01
N ALA A 26 0.75 -5.00 11.14
CA ALA A 26 -0.70 -5.21 11.14
C ALA A 26 -1.38 -4.23 10.19
N HIS A 27 -0.91 -2.99 10.17
CA HIS A 27 -1.48 -1.96 9.32
C HIS A 27 -1.38 -2.36 7.85
N LEU A 28 -0.21 -2.87 7.46
CA LEU A 28 0.02 -3.30 6.08
C LEU A 28 -0.84 -4.51 5.73
N ASN A 29 -0.90 -5.47 6.66
CA ASN A 29 -1.69 -6.68 6.45
C ASN A 29 -3.14 -6.34 6.14
N GLN A 30 -3.75 -5.53 6.99
CA GLN A 30 -5.14 -5.14 6.80
C GLN A 30 -5.34 -4.49 5.43
N HIS A 31 -4.29 -3.85 4.93
CA HIS A 31 -4.35 -3.19 3.63
C HIS A 31 -4.36 -4.21 2.50
N LEU A 32 -3.43 -5.15 2.56
CA LEU A 32 -3.33 -6.19 1.54
C LEU A 32 -4.71 -6.67 1.10
N ARG A 33 -5.67 -6.57 2.01
CA ARG A 33 -7.04 -6.99 1.72
C ARG A 33 -7.52 -6.40 0.40
N VAL A 34 -7.43 -5.09 0.28
CA VAL A 34 -7.86 -4.39 -0.94
C VAL A 34 -7.27 -5.06 -2.17
N HIS A 35 -6.21 -5.83 -1.98
CA HIS A 35 -5.54 -6.51 -3.08
C HIS A 35 -5.83 -8.01 -3.03
N THR A 36 -7.07 -8.37 -2.73
CA THR A 36 -7.47 -9.77 -2.66
C THR A 36 -8.11 -10.23 -3.96
N GLN A 37 -7.61 -9.70 -5.07
CA GLN A 37 -8.14 -10.07 -6.39
C GLN A 37 -9.64 -10.27 -6.34
N GLU A 38 -10.33 -9.40 -5.60
CA GLU A 38 -11.78 -9.49 -5.46
C GLU A 38 -12.42 -9.98 -6.76
N THR A 39 -11.95 -9.43 -7.89
CA THR A 39 -12.47 -9.82 -9.20
C THR A 39 -11.39 -9.72 -10.27
N LEU A 40 -11.72 -10.16 -11.48
CA LEU A 40 -10.79 -10.12 -12.59
C LEU A 40 -10.94 -8.84 -13.39
N SER A 41 -9.91 -8.00 -13.36
CA SER A 41 -9.94 -6.73 -14.08
C SER A 41 -8.53 -6.29 -14.47
N GLY A 42 -8.41 -5.57 -15.58
CA GLY A 42 -7.12 -5.11 -16.03
C GLY A 42 -6.68 -5.78 -17.31
N PRO A 43 -5.96 -5.03 -18.16
CA PRO A 43 -5.46 -5.55 -19.44
C PRO A 43 -4.36 -6.59 -19.26
N SER A 44 -3.67 -6.52 -18.13
CA SER A 44 -2.58 -7.46 -17.84
C SER A 44 -3.12 -8.88 -17.71
N SER A 45 -2.28 -9.86 -18.05
CA SER A 45 -2.66 -11.26 -17.98
C SER A 45 -3.34 -11.57 -16.65
N GLY A 46 -4.52 -12.18 -16.71
CA GLY A 46 -5.25 -12.52 -15.51
C GLY A 46 -6.74 -12.53 -15.72
N GLY A 1 -0.12 23.84 -9.19
CA GLY A 1 0.55 23.95 -7.91
C GLY A 1 0.79 22.60 -7.26
N SER A 2 2.04 22.31 -6.94
CA SER A 2 2.40 21.04 -6.31
C SER A 2 3.76 21.14 -5.63
N SER A 3 3.78 20.85 -4.33
CA SER A 3 5.02 20.90 -3.55
C SER A 3 5.05 19.79 -2.52
N GLY A 4 6.26 19.44 -2.08
CA GLY A 4 6.41 18.39 -1.09
C GLY A 4 7.19 17.20 -1.63
N SER A 5 6.52 16.06 -1.73
CA SER A 5 7.15 14.84 -2.23
C SER A 5 8.35 14.47 -1.37
N SER A 6 8.17 14.55 -0.05
CA SER A 6 9.24 14.22 0.89
C SER A 6 8.68 13.98 2.29
N GLY A 7 9.48 13.32 3.13
CA GLY A 7 9.04 13.02 4.47
C GLY A 7 10.20 12.75 5.42
N THR A 8 9.96 12.91 6.71
CA THR A 8 11.00 12.68 7.71
C THR A 8 10.87 11.29 8.34
N GLY A 9 11.76 10.38 7.96
CA GLY A 9 11.73 9.04 8.50
C GLY A 9 10.80 8.13 7.71
N GLU A 10 11.37 7.37 6.78
CA GLU A 10 10.59 6.45 5.95
C GLU A 10 10.01 5.32 6.80
N LYS A 11 8.90 4.75 6.33
CA LYS A 11 8.25 3.66 7.04
C LYS A 11 8.88 2.33 6.68
N PRO A 12 8.97 1.42 7.67
CA PRO A 12 9.55 0.09 7.46
C PRO A 12 8.67 -0.80 6.59
N TYR A 13 7.36 -0.59 6.66
CA TYR A 13 6.40 -1.38 5.89
C TYR A 13 5.96 -0.61 4.64
N SER A 14 5.79 -1.34 3.54
CA SER A 14 5.37 -0.73 2.28
C SER A 14 4.58 -1.73 1.44
N CYS A 15 3.59 -1.22 0.71
CA CYS A 15 2.77 -2.07 -0.15
C CYS A 15 3.34 -2.14 -1.56
N ASN A 16 3.81 -3.32 -1.94
CA ASN A 16 4.38 -3.52 -3.27
C ASN A 16 3.31 -3.98 -4.26
N VAL A 17 2.16 -3.31 -4.21
CA VAL A 17 1.05 -3.65 -5.11
C VAL A 17 0.46 -2.40 -5.75
N CYS A 18 0.12 -1.42 -4.91
CA CYS A 18 -0.46 -0.17 -5.39
C CYS A 18 0.48 1.00 -5.12
N GLY A 19 1.06 1.02 -3.93
CA GLY A 19 1.98 2.09 -3.57
C GLY A 19 1.59 2.78 -2.27
N LYS A 20 1.73 2.07 -1.16
CA LYS A 20 1.38 2.62 0.14
C LYS A 20 2.48 2.34 1.16
N ALA A 21 2.40 2.99 2.31
CA ALA A 21 3.39 2.81 3.37
C ALA A 21 2.73 2.76 4.74
N PHE A 22 3.23 1.87 5.60
CA PHE A 22 2.68 1.72 6.94
C PHE A 22 3.80 1.66 7.98
N VAL A 23 3.47 2.06 9.20
CA VAL A 23 4.45 2.06 10.29
C VAL A 23 4.58 0.68 10.92
N LEU A 24 3.44 0.00 11.06
CA LEU A 24 3.42 -1.34 11.64
C LEU A 24 3.11 -2.39 10.58
N SER A 25 3.20 -3.66 10.98
CA SER A 25 2.94 -4.76 10.06
C SER A 25 1.45 -5.00 9.90
N ALA A 26 0.74 -5.00 11.03
CA ALA A 26 -0.71 -5.22 11.03
C ALA A 26 -1.40 -4.28 10.05
N HIS A 27 -0.94 -3.03 10.03
CA HIS A 27 -1.53 -2.02 9.15
C HIS A 27 -1.36 -2.42 7.69
N LEU A 28 -0.15 -2.86 7.32
CA LEU A 28 0.14 -3.27 5.96
C LEU A 28 -0.70 -4.47 5.56
N ASN A 29 -0.84 -5.42 6.49
CA ASN A 29 -1.63 -6.63 6.24
C ASN A 29 -3.10 -6.28 5.97
N GLN A 30 -3.69 -5.55 6.90
CA GLN A 30 -5.09 -5.15 6.78
C GLN A 30 -5.35 -4.48 5.43
N HIS A 31 -4.28 -3.96 4.83
CA HIS A 31 -4.39 -3.27 3.55
C HIS A 31 -4.38 -4.29 2.40
N LEU A 32 -3.42 -5.21 2.44
CA LEU A 32 -3.30 -6.23 1.41
C LEU A 32 -4.67 -6.76 1.01
N ARG A 33 -5.56 -6.89 2.00
CA ARG A 33 -6.91 -7.40 1.75
C ARG A 33 -7.54 -6.68 0.56
N VAL A 34 -7.46 -5.36 0.57
CA VAL A 34 -8.03 -4.55 -0.51
C VAL A 34 -7.59 -5.06 -1.88
N HIS A 35 -6.44 -5.74 -1.90
CA HIS A 35 -5.91 -6.28 -3.15
C HIS A 35 -6.30 -7.76 -3.31
N THR A 36 -7.52 -8.08 -2.90
CA THR A 36 -8.01 -9.44 -3.00
C THR A 36 -8.85 -9.65 -4.26
N GLN A 37 -8.44 -8.98 -5.34
CA GLN A 37 -9.15 -9.07 -6.61
C GLN A 37 -8.39 -8.36 -7.72
N GLU A 38 -8.89 -8.50 -8.95
CA GLU A 38 -8.25 -7.86 -10.10
C GLU A 38 -9.07 -6.68 -10.60
N THR A 39 -8.41 -5.74 -11.27
CA THR A 39 -9.08 -4.57 -11.80
C THR A 39 -8.91 -4.48 -13.31
N LEU A 40 -9.69 -3.59 -13.94
CA LEU A 40 -9.62 -3.42 -15.38
C LEU A 40 -8.18 -3.41 -15.87
N SER A 41 -7.93 -4.13 -16.97
CA SER A 41 -6.59 -4.20 -17.53
C SER A 41 -6.37 -3.12 -18.57
N GLY A 42 -5.11 -2.76 -18.80
CA GLY A 42 -4.79 -1.73 -19.77
C GLY A 42 -5.17 -2.14 -21.19
N PRO A 43 -4.53 -1.49 -22.18
CA PRO A 43 -4.79 -1.78 -23.60
C PRO A 43 -4.28 -3.15 -24.02
N SER A 44 -3.70 -3.88 -23.07
CA SER A 44 -3.16 -5.20 -23.34
C SER A 44 -4.26 -6.25 -23.30
N SER A 45 -5.38 -5.95 -23.95
CA SER A 45 -6.51 -6.87 -23.98
C SER A 45 -7.41 -6.59 -25.19
N GLY A 46 -8.26 -7.55 -25.52
CA GLY A 46 -9.16 -7.39 -26.65
C GLY A 46 -9.73 -5.98 -26.74
N GLY A 1 -0.88 17.36 -13.87
CA GLY A 1 -0.50 18.24 -12.78
C GLY A 1 -0.57 17.56 -11.43
N SER A 2 0.50 17.65 -10.67
CA SER A 2 0.56 17.03 -9.34
C SER A 2 1.23 17.96 -8.34
N SER A 3 1.04 17.68 -7.06
CA SER A 3 1.61 18.49 -5.99
C SER A 3 2.80 17.77 -5.35
N GLY A 4 2.56 16.54 -4.88
CA GLY A 4 3.61 15.78 -4.25
C GLY A 4 3.69 16.01 -2.76
N SER A 5 3.83 14.93 -1.99
CA SER A 5 3.91 15.03 -0.55
C SER A 5 5.35 14.87 -0.06
N SER A 6 5.57 15.11 1.23
CA SER A 6 6.90 15.00 1.81
C SER A 6 6.82 14.66 3.30
N GLY A 7 7.37 13.50 3.66
CA GLY A 7 7.34 13.08 5.05
C GLY A 7 8.73 12.97 5.64
N THR A 8 8.82 13.14 6.96
CA THR A 8 10.10 13.07 7.65
C THR A 8 10.40 11.64 8.11
N GLY A 9 11.45 11.05 7.56
CA GLY A 9 11.83 9.70 7.92
C GLY A 9 11.42 8.68 6.87
N GLU A 10 11.32 7.43 7.28
CA GLU A 10 10.94 6.35 6.36
C GLU A 10 10.19 5.24 7.10
N LYS A 11 9.16 4.72 6.46
CA LYS A 11 8.34 3.65 7.05
C LYS A 11 8.96 2.29 6.77
N PRO A 12 8.88 1.38 7.76
CA PRO A 12 9.43 0.03 7.64
C PRO A 12 8.64 -0.82 6.66
N TYR A 13 7.33 -0.58 6.59
CA TYR A 13 6.46 -1.33 5.68
C TYR A 13 6.05 -0.48 4.49
N SER A 14 5.79 -1.14 3.37
CA SER A 14 5.38 -0.45 2.15
C SER A 14 4.79 -1.42 1.14
N CYS A 15 3.61 -1.09 0.63
CA CYS A 15 2.92 -1.93 -0.35
C CYS A 15 3.54 -1.76 -1.73
N ASN A 16 3.56 -2.84 -2.49
CA ASN A 16 4.11 -2.82 -3.85
C ASN A 16 3.02 -2.94 -4.89
N VAL A 17 1.94 -3.65 -4.53
CA VAL A 17 0.82 -3.84 -5.44
C VAL A 17 0.32 -2.50 -5.98
N CYS A 18 -0.01 -1.59 -5.07
CA CYS A 18 -0.50 -0.27 -5.44
C CYS A 18 0.50 0.82 -5.06
N GLY A 19 1.21 0.59 -3.96
CA GLY A 19 2.18 1.56 -3.50
C GLY A 19 1.71 2.31 -2.27
N LYS A 20 2.00 1.78 -1.10
CA LYS A 20 1.60 2.41 0.15
C LYS A 20 2.72 2.33 1.18
N ALA A 21 2.49 2.93 2.35
CA ALA A 21 3.48 2.93 3.42
C ALA A 21 2.82 2.88 4.79
N PHE A 22 3.28 1.98 5.64
CA PHE A 22 2.72 1.83 6.98
C PHE A 22 3.83 1.77 8.03
N VAL A 23 3.47 2.06 9.27
CA VAL A 23 4.44 2.04 10.36
C VAL A 23 4.54 0.65 10.98
N LEU A 24 3.40 0.00 11.17
CA LEU A 24 3.36 -1.33 11.75
C LEU A 24 3.07 -2.38 10.68
N SER A 25 3.21 -3.65 11.04
CA SER A 25 2.96 -4.74 10.11
C SER A 25 1.46 -4.99 9.95
N ALA A 26 0.75 -4.99 11.07
CA ALA A 26 -0.69 -5.21 11.06
C ALA A 26 -1.39 -4.26 10.09
N HIS A 27 -0.98 -2.99 10.12
CA HIS A 27 -1.56 -1.98 9.25
C HIS A 27 -1.41 -2.38 7.79
N LEU A 28 -0.22 -2.86 7.43
CA LEU A 28 0.05 -3.27 6.06
C LEU A 28 -0.80 -4.47 5.67
N ASN A 29 -0.86 -5.45 6.56
CA ASN A 29 -1.64 -6.67 6.31
C ASN A 29 -3.08 -6.32 5.99
N GLN A 30 -3.73 -5.61 6.92
CA GLN A 30 -5.12 -5.22 6.73
C GLN A 30 -5.35 -4.61 5.35
N HIS A 31 -4.35 -3.86 4.88
CA HIS A 31 -4.44 -3.22 3.58
C HIS A 31 -4.44 -4.25 2.46
N LEU A 32 -3.49 -5.18 2.51
CA LEU A 32 -3.39 -6.23 1.50
C LEU A 32 -4.77 -6.79 1.16
N ARG A 33 -5.70 -6.66 2.10
CA ARG A 33 -7.05 -7.17 1.90
C ARG A 33 -7.65 -6.62 0.61
N VAL A 34 -7.56 -5.31 0.43
CA VAL A 34 -8.09 -4.65 -0.77
C VAL A 34 -7.57 -5.33 -2.03
N HIS A 35 -6.47 -6.05 -1.89
CA HIS A 35 -5.87 -6.75 -3.02
C HIS A 35 -6.23 -8.23 -3.01
N THR A 36 -7.49 -8.53 -2.71
CA THR A 36 -7.97 -9.90 -2.66
C THR A 36 -8.75 -10.26 -3.92
N GLN A 37 -9.15 -9.24 -4.67
CA GLN A 37 -9.91 -9.45 -5.90
C GLN A 37 -9.09 -9.03 -7.12
N GLU A 38 -9.18 -9.82 -8.18
CA GLU A 38 -8.45 -9.54 -9.41
C GLU A 38 -6.96 -9.33 -9.13
N THR A 39 -6.43 -10.13 -8.20
CA THR A 39 -5.02 -10.04 -7.83
C THR A 39 -4.13 -10.03 -9.07
N LEU A 40 -4.37 -10.99 -9.97
CA LEU A 40 -3.58 -11.10 -11.20
C LEU A 40 -4.15 -12.18 -12.11
N SER A 41 -3.73 -12.17 -13.36
CA SER A 41 -4.20 -13.13 -14.34
C SER A 41 -5.70 -12.99 -14.57
N GLY A 42 -6.23 -11.80 -14.33
CA GLY A 42 -7.64 -11.55 -14.51
C GLY A 42 -8.48 -12.76 -14.17
N PRO A 43 -8.68 -13.01 -12.86
CA PRO A 43 -9.47 -14.14 -12.37
C PRO A 43 -10.96 -13.97 -12.66
N SER A 44 -11.35 -14.27 -13.90
CA SER A 44 -12.75 -14.15 -14.29
C SER A 44 -13.54 -15.40 -13.92
N SER A 45 -14.42 -15.26 -12.94
CA SER A 45 -15.23 -16.38 -12.47
C SER A 45 -16.25 -15.92 -11.42
N GLY A 46 -17.19 -16.80 -11.10
CA GLY A 46 -18.20 -16.48 -10.10
C GLY A 46 -19.45 -17.31 -10.26
N GLY A 1 1.78 28.15 9.29
CA GLY A 1 3.08 27.48 9.22
C GLY A 1 3.89 27.93 8.01
N SER A 2 5.19 28.09 8.21
CA SER A 2 6.08 28.51 7.15
C SER A 2 6.85 27.33 6.56
N SER A 3 6.21 26.62 5.63
CA SER A 3 6.84 25.46 5.01
C SER A 3 7.71 24.71 6.00
N GLY A 4 7.23 24.56 7.22
CA GLY A 4 7.99 23.86 8.25
C GLY A 4 7.19 22.77 8.92
N SER A 5 6.90 21.69 8.18
CA SER A 5 6.14 20.58 8.72
C SER A 5 7.04 19.59 9.45
N SER A 6 6.45 18.84 10.37
CA SER A 6 7.21 17.86 11.15
C SER A 6 6.97 16.45 10.62
N GLY A 7 7.71 15.49 11.17
CA GLY A 7 7.57 14.10 10.74
C GLY A 7 8.26 13.84 9.42
N THR A 8 9.43 13.23 9.49
CA THR A 8 10.20 12.91 8.28
C THR A 8 10.87 11.55 8.40
N GLY A 9 10.89 10.81 7.29
CA GLY A 9 11.49 9.49 7.29
C GLY A 9 10.85 8.56 6.29
N GLU A 10 11.06 7.26 6.47
CA GLU A 10 10.50 6.26 5.56
C GLU A 10 10.02 5.04 6.33
N LYS A 11 8.71 4.86 6.40
CA LYS A 11 8.13 3.71 7.11
C LYS A 11 8.83 2.42 6.73
N PRO A 12 8.98 1.52 7.72
CA PRO A 12 9.64 0.22 7.51
C PRO A 12 8.81 -0.72 6.64
N TYR A 13 7.49 -0.58 6.73
CA TYR A 13 6.58 -1.42 5.94
C TYR A 13 5.96 -0.63 4.79
N SER A 14 5.85 -1.27 3.64
CA SER A 14 5.28 -0.63 2.46
C SER A 14 4.54 -1.65 1.60
N CYS A 15 3.57 -1.17 0.83
CA CYS A 15 2.78 -2.04 -0.04
C CYS A 15 3.42 -2.14 -1.42
N ASN A 16 3.69 -3.36 -1.85
CA ASN A 16 4.31 -3.60 -3.15
C ASN A 16 3.27 -4.05 -4.17
N VAL A 17 2.10 -3.42 -4.13
CA VAL A 17 1.02 -3.74 -5.05
C VAL A 17 0.49 -2.49 -5.73
N CYS A 18 0.12 -1.49 -4.93
CA CYS A 18 -0.41 -0.24 -5.45
C CYS A 18 0.53 0.92 -5.14
N GLY A 19 1.01 0.97 -3.90
CA GLY A 19 1.92 2.04 -3.49
C GLY A 19 1.48 2.71 -2.21
N LYS A 20 1.73 2.07 -1.08
CA LYS A 20 1.37 2.61 0.22
C LYS A 20 2.46 2.35 1.25
N ALA A 21 2.33 2.98 2.42
CA ALA A 21 3.30 2.81 3.48
C ALA A 21 2.61 2.61 4.83
N PHE A 22 3.28 1.90 5.73
CA PHE A 22 2.73 1.64 7.05
C PHE A 22 3.84 1.53 8.10
N VAL A 23 3.56 2.01 9.30
CA VAL A 23 4.53 1.97 10.39
C VAL A 23 4.65 0.56 10.97
N LEU A 24 3.51 -0.10 11.12
CA LEU A 24 3.49 -1.46 11.67
C LEU A 24 3.16 -2.47 10.58
N SER A 25 3.23 -3.75 10.94
CA SER A 25 2.95 -4.83 10.00
C SER A 25 1.44 -5.00 9.81
N ALA A 26 0.73 -5.10 10.93
CA ALA A 26 -0.72 -5.28 10.89
C ALA A 26 -1.37 -4.28 9.93
N HIS A 27 -0.99 -3.01 10.05
CA HIS A 27 -1.54 -1.97 9.20
C HIS A 27 -1.33 -2.31 7.73
N LEU A 28 -0.14 -2.78 7.39
CA LEU A 28 0.19 -3.15 6.02
C LEU A 28 -0.67 -4.33 5.54
N ASN A 29 -0.79 -5.33 6.40
CA ASN A 29 -1.57 -6.52 6.08
C ASN A 29 -3.02 -6.15 5.79
N GLN A 30 -3.67 -5.51 6.76
CA GLN A 30 -5.06 -5.10 6.61
C GLN A 30 -5.30 -4.46 5.25
N HIS A 31 -4.29 -3.75 4.75
CA HIS A 31 -4.38 -3.09 3.45
C HIS A 31 -4.44 -4.12 2.32
N LEU A 32 -3.39 -4.92 2.21
CA LEU A 32 -3.31 -5.95 1.17
C LEU A 32 -4.66 -6.63 0.98
N ARG A 33 -5.49 -6.61 2.03
CA ARG A 33 -6.81 -7.22 1.97
C ARG A 33 -7.58 -6.74 0.75
N VAL A 34 -7.53 -5.43 0.49
CA VAL A 34 -8.22 -4.85 -0.65
C VAL A 34 -7.71 -5.44 -1.96
N HIS A 35 -6.43 -5.77 -1.99
CA HIS A 35 -5.81 -6.33 -3.19
C HIS A 35 -6.22 -7.80 -3.37
N THR A 36 -6.21 -8.54 -2.27
CA THR A 36 -6.58 -9.95 -2.30
C THR A 36 -8.09 -10.13 -2.24
N GLN A 37 -8.80 -9.40 -3.09
CA GLN A 37 -10.26 -9.48 -3.13
C GLN A 37 -10.74 -10.03 -4.47
N GLU A 38 -10.33 -9.37 -5.56
CA GLU A 38 -10.72 -9.79 -6.90
C GLU A 38 -9.58 -10.53 -7.59
N THR A 39 -9.87 -11.70 -8.13
CA THR A 39 -8.88 -12.51 -8.82
C THR A 39 -7.87 -11.62 -9.55
N LEU A 40 -6.61 -11.70 -9.13
CA LEU A 40 -5.55 -10.91 -9.73
C LEU A 40 -4.51 -11.80 -10.42
N SER A 41 -4.39 -13.03 -9.91
CA SER A 41 -3.43 -13.98 -10.47
C SER A 41 -4.04 -14.74 -11.64
N GLY A 42 -3.20 -15.20 -12.55
CA GLY A 42 -3.67 -15.94 -13.71
C GLY A 42 -4.88 -16.80 -13.39
N PRO A 43 -5.78 -16.94 -14.36
CA PRO A 43 -7.00 -17.74 -14.21
C PRO A 43 -6.71 -19.23 -14.12
N SER A 44 -6.42 -19.70 -12.92
CA SER A 44 -6.12 -21.11 -12.70
C SER A 44 -7.30 -21.99 -13.10
N SER A 45 -7.04 -22.98 -13.96
CA SER A 45 -8.08 -23.88 -14.42
C SER A 45 -9.01 -24.28 -13.28
N GLY A 46 -8.41 -24.70 -12.17
CA GLY A 46 -9.20 -25.10 -11.02
C GLY A 46 -9.90 -26.42 -11.23
N GLY A 1 22.20 21.10 -3.49
CA GLY A 1 22.48 19.88 -2.76
C GLY A 1 22.91 20.16 -1.32
N SER A 2 23.50 19.16 -0.68
CA SER A 2 23.96 19.29 0.70
C SER A 2 24.92 18.18 1.07
N SER A 3 25.56 18.31 2.22
CA SER A 3 26.53 17.32 2.69
C SER A 3 25.91 16.42 3.77
N GLY A 4 25.22 15.37 3.33
CA GLY A 4 24.59 14.46 4.27
C GLY A 4 23.66 15.18 5.23
N SER A 5 22.91 16.13 4.71
CA SER A 5 21.97 16.90 5.54
C SER A 5 20.60 16.21 5.59
N SER A 6 20.01 16.02 4.42
CA SER A 6 18.70 15.39 4.32
C SER A 6 18.55 14.29 5.37
N GLY A 7 17.44 14.33 6.10
CA GLY A 7 17.20 13.33 7.12
C GLY A 7 16.56 12.07 6.58
N THR A 8 17.13 10.93 6.93
CA THR A 8 16.62 9.64 6.46
C THR A 8 15.41 9.21 7.28
N GLY A 9 14.25 9.16 6.63
CA GLY A 9 13.03 8.74 7.31
C GLY A 9 12.02 8.12 6.37
N GLU A 10 11.69 6.86 6.61
CA GLU A 10 10.73 6.15 5.78
C GLU A 10 10.04 5.04 6.57
N LYS A 11 8.82 4.72 6.17
CA LYS A 11 8.05 3.67 6.84
C LYS A 11 8.70 2.31 6.64
N PRO A 12 8.66 1.48 7.69
CA PRO A 12 9.25 0.14 7.66
C PRO A 12 8.47 -0.81 6.76
N TYR A 13 7.18 -0.53 6.58
CA TYR A 13 6.33 -1.36 5.74
C TYR A 13 5.88 -0.60 4.49
N SER A 14 5.82 -1.31 3.37
CA SER A 14 5.42 -0.71 2.11
C SER A 14 4.61 -1.68 1.27
N CYS A 15 3.63 -1.17 0.53
CA CYS A 15 2.78 -2.00 -0.31
C CYS A 15 3.36 -2.10 -1.72
N ASN A 16 3.74 -3.31 -2.11
CA ASN A 16 4.31 -3.54 -3.44
C ASN A 16 3.22 -3.96 -4.43
N VAL A 17 2.08 -3.29 -4.36
CA VAL A 17 0.96 -3.58 -5.25
C VAL A 17 0.41 -2.31 -5.88
N CYS A 18 0.10 -1.33 -5.03
CA CYS A 18 -0.44 -0.05 -5.50
C CYS A 18 0.52 1.08 -5.21
N GLY A 19 1.07 1.10 -3.99
CA GLY A 19 1.99 2.14 -3.60
C GLY A 19 1.60 2.81 -2.31
N LYS A 20 1.80 2.12 -1.19
CA LYS A 20 1.46 2.67 0.11
C LYS A 20 2.56 2.36 1.13
N ALA A 21 2.42 2.93 2.33
CA ALA A 21 3.40 2.72 3.39
C ALA A 21 2.74 2.77 4.77
N PHE A 22 3.16 1.86 5.64
CA PHE A 22 2.61 1.79 6.99
C PHE A 22 3.72 1.79 8.04
N VAL A 23 3.36 2.06 9.29
CA VAL A 23 4.32 2.10 10.37
C VAL A 23 4.42 0.73 11.06
N LEU A 24 3.29 0.03 11.13
CA LEU A 24 3.25 -1.28 11.77
C LEU A 24 2.99 -2.37 10.73
N SER A 25 3.20 -3.62 11.13
CA SER A 25 2.98 -4.76 10.23
C SER A 25 1.50 -5.06 10.09
N ALA A 26 0.80 -5.10 11.22
CA ALA A 26 -0.63 -5.39 11.22
C ALA A 26 -1.38 -4.46 10.26
N HIS A 27 -0.99 -3.18 10.26
CA HIS A 27 -1.62 -2.20 9.39
C HIS A 27 -1.43 -2.57 7.91
N LEU A 28 -0.18 -2.80 7.53
CA LEU A 28 0.13 -3.16 6.15
C LEU A 28 -0.65 -4.40 5.72
N ASN A 29 -0.73 -5.38 6.60
CA ASN A 29 -1.45 -6.62 6.31
C ASN A 29 -2.92 -6.33 6.00
N GLN A 30 -3.58 -5.61 6.92
CA GLN A 30 -4.98 -5.27 6.74
C GLN A 30 -5.22 -4.61 5.40
N HIS A 31 -4.23 -3.87 4.92
CA HIS A 31 -4.32 -3.18 3.63
C HIS A 31 -4.33 -4.18 2.48
N LEU A 32 -3.37 -5.10 2.50
CA LEU A 32 -3.26 -6.11 1.45
C LEU A 32 -4.63 -6.66 1.08
N ARG A 33 -5.56 -6.62 2.03
CA ARG A 33 -6.91 -7.11 1.80
C ARG A 33 -7.49 -6.51 0.53
N VAL A 34 -7.40 -5.20 0.39
CA VAL A 34 -7.92 -4.51 -0.78
C VAL A 34 -7.40 -5.13 -2.06
N HIS A 35 -6.33 -5.90 -1.94
CA HIS A 35 -5.73 -6.57 -3.09
C HIS A 35 -6.10 -8.04 -3.12
N THR A 36 -5.76 -8.75 -2.05
CA THR A 36 -6.05 -10.18 -1.95
C THR A 36 -7.54 -10.42 -1.70
N GLN A 37 -8.37 -10.03 -2.67
CA GLN A 37 -9.82 -10.20 -2.54
C GLN A 37 -10.32 -11.28 -3.50
N GLU A 38 -11.42 -11.92 -3.14
CA GLU A 38 -12.00 -12.98 -3.95
C GLU A 38 -12.65 -12.39 -5.21
N THR A 39 -12.25 -12.91 -6.37
CA THR A 39 -12.79 -12.44 -7.64
C THR A 39 -12.36 -13.34 -8.79
N LEU A 40 -13.30 -13.65 -9.67
CA LEU A 40 -13.02 -14.52 -10.82
C LEU A 40 -13.35 -13.80 -12.12
N SER A 41 -12.34 -13.23 -12.76
CA SER A 41 -12.53 -12.51 -14.02
C SER A 41 -11.99 -13.32 -15.19
N GLY A 42 -12.87 -13.68 -16.11
CA GLY A 42 -12.48 -14.47 -17.27
C GLY A 42 -13.04 -15.87 -17.24
N PRO A 43 -13.35 -16.41 -18.43
CA PRO A 43 -13.90 -17.76 -18.57
C PRO A 43 -12.88 -18.84 -18.24
N SER A 44 -12.85 -19.26 -16.98
CA SER A 44 -11.92 -20.28 -16.53
C SER A 44 -12.24 -21.62 -17.18
N SER A 45 -13.44 -22.13 -16.90
CA SER A 45 -13.86 -23.41 -17.45
C SER A 45 -14.37 -23.24 -18.88
N GLY A 46 -15.43 -22.46 -19.05
CA GLY A 46 -15.99 -22.23 -20.37
C GLY A 46 -17.09 -21.19 -20.36
N GLY A 1 -7.25 17.69 9.40
CA GLY A 1 -7.14 17.77 10.85
C GLY A 1 -6.38 16.62 11.44
N SER A 2 -5.27 16.25 10.81
CA SER A 2 -4.45 15.14 11.28
C SER A 2 -3.99 15.38 12.72
N SER A 3 -3.36 16.52 12.96
CA SER A 3 -2.89 16.86 14.30
C SER A 3 -1.89 15.82 14.80
N GLY A 4 -1.00 15.38 13.92
CA GLY A 4 -0.01 14.39 14.29
C GLY A 4 0.90 14.02 13.15
N SER A 5 0.50 13.03 12.35
CA SER A 5 1.29 12.58 11.22
C SER A 5 2.72 12.25 11.65
N SER A 6 2.84 11.58 12.79
CA SER A 6 4.15 11.21 13.31
C SER A 6 4.93 10.38 12.29
N GLY A 7 5.87 11.04 11.62
CA GLY A 7 6.68 10.36 10.62
C GLY A 7 8.06 10.96 10.48
N THR A 8 9.03 10.41 11.21
CA THR A 8 10.40 10.89 11.17
C THR A 8 11.13 10.38 9.94
N GLY A 9 11.22 9.06 9.83
CA GLY A 9 11.90 8.46 8.69
C GLY A 9 11.00 7.51 7.91
N GLU A 10 11.39 7.21 6.68
CA GLU A 10 10.61 6.31 5.83
C GLU A 10 10.02 5.17 6.65
N LYS A 11 8.80 4.77 6.31
CA LYS A 11 8.12 3.69 7.01
C LYS A 11 8.81 2.35 6.76
N PRO A 12 8.86 1.50 7.80
CA PRO A 12 9.49 0.18 7.71
C PRO A 12 8.70 -0.78 6.81
N TYR A 13 7.41 -0.50 6.65
CA TYR A 13 6.55 -1.34 5.81
C TYR A 13 6.09 -0.59 4.57
N SER A 14 5.94 -1.31 3.47
CA SER A 14 5.50 -0.71 2.22
C SER A 14 4.70 -1.71 1.38
N CYS A 15 3.64 -1.24 0.76
CA CYS A 15 2.78 -2.09 -0.07
C CYS A 15 3.35 -2.20 -1.49
N ASN A 16 3.75 -3.41 -1.87
CA ASN A 16 4.30 -3.65 -3.20
C ASN A 16 3.21 -4.08 -4.17
N VAL A 17 2.08 -3.39 -4.12
CA VAL A 17 0.95 -3.69 -5.01
C VAL A 17 0.43 -2.43 -5.68
N CYS A 18 -0.01 -1.47 -4.87
CA CYS A 18 -0.54 -0.22 -5.40
C CYS A 18 0.44 0.93 -5.15
N GLY A 19 0.99 0.98 -3.94
CA GLY A 19 1.92 2.02 -3.59
C GLY A 19 1.55 2.76 -2.32
N LYS A 20 1.69 2.07 -1.19
CA LYS A 20 1.36 2.65 0.11
C LYS A 20 2.45 2.37 1.13
N ALA A 21 2.29 2.92 2.34
CA ALA A 21 3.26 2.72 3.40
C ALA A 21 2.57 2.60 4.76
N PHE A 22 3.22 1.92 5.70
CA PHE A 22 2.67 1.73 7.03
C PHE A 22 3.77 1.67 8.07
N VAL A 23 3.43 2.04 9.31
CA VAL A 23 4.40 2.03 10.40
C VAL A 23 4.53 0.63 11.00
N LEU A 24 3.42 -0.07 11.11
CA LEU A 24 3.41 -1.42 11.66
C LEU A 24 3.12 -2.45 10.58
N SER A 25 3.29 -3.73 10.92
CA SER A 25 3.05 -4.81 9.98
C SER A 25 1.55 -5.07 9.84
N ALA A 26 0.84 -5.08 10.95
CA ALA A 26 -0.60 -5.31 10.95
C ALA A 26 -1.31 -4.34 10.01
N HIS A 27 -0.97 -3.06 10.12
CA HIS A 27 -1.58 -2.03 9.28
C HIS A 27 -1.37 -2.35 7.81
N LEU A 28 -0.16 -2.78 7.46
CA LEU A 28 0.17 -3.11 6.08
C LEU A 28 -0.65 -4.30 5.59
N ASN A 29 -0.76 -5.33 6.44
CA ASN A 29 -1.52 -6.52 6.11
C ASN A 29 -2.98 -6.18 5.80
N GLN A 30 -3.64 -5.54 6.76
CA GLN A 30 -5.03 -5.15 6.59
C GLN A 30 -5.26 -4.50 5.23
N HIS A 31 -4.25 -3.78 4.74
CA HIS A 31 -4.35 -3.12 3.45
C HIS A 31 -4.40 -4.14 2.31
N LEU A 32 -3.40 -5.01 2.26
CA LEU A 32 -3.34 -6.04 1.23
C LEU A 32 -4.71 -6.68 1.00
N ARG A 33 -5.56 -6.61 2.02
CA ARG A 33 -6.90 -7.19 1.95
C ARG A 33 -7.64 -6.64 0.73
N VAL A 34 -7.51 -5.34 0.49
CA VAL A 34 -8.16 -4.71 -0.66
C VAL A 34 -7.60 -5.21 -1.97
N HIS A 35 -6.42 -5.82 -1.91
CA HIS A 35 -5.76 -6.34 -3.11
C HIS A 35 -6.10 -7.82 -3.30
N THR A 36 -6.06 -8.58 -2.21
CA THR A 36 -6.36 -10.00 -2.26
C THR A 36 -7.87 -10.25 -2.23
N GLN A 37 -8.60 -9.42 -2.95
CA GLN A 37 -10.06 -9.55 -3.01
C GLN A 37 -10.57 -9.35 -4.43
N GLU A 38 -11.66 -10.02 -4.76
CA GLU A 38 -12.26 -9.92 -6.09
C GLU A 38 -13.08 -8.65 -6.23
N THR A 39 -13.11 -8.09 -7.43
CA THR A 39 -13.87 -6.87 -7.70
C THR A 39 -14.44 -6.87 -9.11
N LEU A 40 -15.69 -6.44 -9.24
CA LEU A 40 -16.35 -6.38 -10.54
C LEU A 40 -15.74 -5.30 -11.42
N SER A 41 -15.66 -5.58 -12.72
CA SER A 41 -15.10 -4.63 -13.66
C SER A 41 -15.88 -3.32 -13.66
N GLY A 42 -15.25 -2.27 -13.13
CA GLY A 42 -15.90 -0.97 -13.07
C GLY A 42 -14.91 0.17 -12.96
N PRO A 43 -15.41 1.41 -13.06
CA PRO A 43 -14.57 2.60 -12.97
C PRO A 43 -14.04 2.84 -11.57
N SER A 44 -13.17 3.84 -11.43
CA SER A 44 -12.59 4.17 -10.13
C SER A 44 -11.77 5.45 -10.22
N SER A 45 -11.80 6.24 -9.14
CA SER A 45 -11.06 7.50 -9.09
C SER A 45 -9.57 7.25 -8.92
N GLY A 46 -8.76 8.23 -9.33
CA GLY A 46 -7.32 8.09 -9.22
C GLY A 46 -6.58 8.83 -10.31
N GLY A 1 -6.75 22.84 -4.27
CA GLY A 1 -6.43 21.52 -3.77
C GLY A 1 -5.28 20.88 -4.51
N SER A 2 -4.94 19.65 -4.14
CA SER A 2 -3.85 18.92 -4.78
C SER A 2 -2.54 19.70 -4.64
N SER A 3 -2.30 20.24 -3.45
CA SER A 3 -1.08 21.00 -3.17
C SER A 3 -0.68 20.87 -1.72
N GLY A 4 0.62 20.73 -1.47
CA GLY A 4 1.12 20.60 -0.12
C GLY A 4 2.13 19.49 0.02
N SER A 5 3.03 19.62 1.00
CA SER A 5 4.06 18.62 1.23
C SER A 5 3.49 17.41 1.96
N SER A 6 3.75 16.22 1.40
CA SER A 6 3.26 14.98 1.99
C SER A 6 4.10 14.59 3.21
N GLY A 7 5.38 14.32 2.97
CA GLY A 7 6.27 13.93 4.06
C GLY A 7 5.90 12.59 4.65
N THR A 8 6.32 11.52 4.00
CA THR A 8 6.03 10.16 4.46
C THR A 8 7.17 9.62 5.32
N GLY A 9 8.29 10.34 5.32
CA GLY A 9 9.44 9.92 6.11
C GLY A 9 10.02 8.61 5.62
N GLU A 10 10.34 7.72 6.55
CA GLU A 10 10.91 6.42 6.21
C GLU A 10 10.21 5.30 6.97
N LYS A 11 9.14 4.77 6.38
CA LYS A 11 8.39 3.69 6.99
C LYS A 11 9.03 2.34 6.72
N PRO A 12 9.02 1.45 7.73
CA PRO A 12 9.60 0.11 7.60
C PRO A 12 8.79 -0.79 6.68
N TYR A 13 7.48 -0.61 6.70
CA TYR A 13 6.58 -1.41 5.86
C TYR A 13 6.12 -0.62 4.64
N SER A 14 5.86 -1.32 3.55
CA SER A 14 5.42 -0.69 2.31
C SER A 14 4.72 -1.69 1.41
N CYS A 15 3.64 -1.26 0.77
CA CYS A 15 2.87 -2.11 -0.12
C CYS A 15 3.50 -2.15 -1.51
N ASN A 16 3.73 -3.36 -2.02
CA ASN A 16 4.33 -3.54 -3.33
C ASN A 16 3.29 -3.95 -4.36
N VAL A 17 2.11 -3.34 -4.27
CA VAL A 17 1.02 -3.64 -5.20
C VAL A 17 0.47 -2.37 -5.83
N CYS A 18 0.05 -1.43 -4.99
CA CYS A 18 -0.50 -0.17 -5.47
C CYS A 18 0.47 0.98 -5.21
N GLY A 19 1.02 1.02 -4.01
CA GLY A 19 1.96 2.07 -3.66
C GLY A 19 1.59 2.77 -2.37
N LYS A 20 1.66 2.04 -1.26
CA LYS A 20 1.33 2.60 0.05
C LYS A 20 2.43 2.29 1.07
N ALA A 21 2.36 2.96 2.22
CA ALA A 21 3.35 2.75 3.27
C ALA A 21 2.68 2.72 4.64
N PHE A 22 3.28 1.97 5.56
CA PHE A 22 2.75 1.84 6.92
C PHE A 22 3.87 1.82 7.94
N VAL A 23 3.52 2.04 9.20
CA VAL A 23 4.50 2.05 10.29
C VAL A 23 4.61 0.66 10.91
N LEU A 24 3.48 -0.02 11.04
CA LEU A 24 3.47 -1.36 11.63
C LEU A 24 3.16 -2.41 10.57
N SER A 25 3.32 -3.68 10.94
CA SER A 25 3.06 -4.79 10.03
C SER A 25 1.56 -5.07 9.95
N ALA A 26 0.91 -5.10 11.10
CA ALA A 26 -0.52 -5.37 11.16
C ALA A 26 -1.30 -4.44 10.24
N HIS A 27 -0.97 -3.15 10.29
CA HIS A 27 -1.63 -2.16 9.46
C HIS A 27 -1.49 -2.51 7.98
N LEU A 28 -0.30 -2.91 7.58
CA LEU A 28 -0.04 -3.28 6.19
C LEU A 28 -0.89 -4.46 5.77
N ASN A 29 -0.88 -5.52 6.58
CA ASN A 29 -1.65 -6.72 6.30
C ASN A 29 -3.10 -6.36 5.95
N GLN A 30 -3.75 -5.61 6.84
CA GLN A 30 -5.13 -5.20 6.63
C GLN A 30 -5.32 -4.60 5.23
N HIS A 31 -4.36 -3.77 4.83
CA HIS A 31 -4.41 -3.12 3.51
C HIS A 31 -4.46 -4.17 2.41
N LEU A 32 -3.53 -5.12 2.46
CA LEU A 32 -3.46 -6.18 1.46
C LEU A 32 -4.85 -6.67 1.08
N ARG A 33 -5.79 -6.56 2.01
CA ARG A 33 -7.15 -6.98 1.78
C ARG A 33 -7.68 -6.44 0.45
N VAL A 34 -7.63 -5.13 0.29
CA VAL A 34 -8.10 -4.49 -0.94
C VAL A 34 -7.49 -5.16 -2.17
N HIS A 35 -6.40 -5.89 -1.97
CA HIS A 35 -5.73 -6.58 -3.06
C HIS A 35 -6.06 -8.08 -3.02
N THR A 36 -7.31 -8.40 -2.74
CA THR A 36 -7.74 -9.79 -2.67
C THR A 36 -8.37 -10.23 -4.00
N GLN A 37 -7.77 -9.80 -5.10
CA GLN A 37 -8.27 -10.15 -6.43
C GLN A 37 -7.29 -9.75 -7.51
N GLU A 38 -7.22 -10.54 -8.57
CA GLU A 38 -6.31 -10.27 -9.68
C GLU A 38 -6.84 -9.14 -10.56
N THR A 39 -6.01 -8.12 -10.77
CA THR A 39 -6.40 -6.97 -11.59
C THR A 39 -5.43 -6.76 -12.74
N LEU A 40 -5.52 -7.62 -13.76
CA LEU A 40 -4.64 -7.52 -14.92
C LEU A 40 -5.30 -6.70 -16.02
N SER A 41 -6.45 -7.16 -16.49
CA SER A 41 -7.17 -6.46 -17.55
C SER A 41 -8.68 -6.66 -17.40
N GLY A 42 -9.45 -5.88 -18.16
CA GLY A 42 -10.90 -5.99 -18.09
C GLY A 42 -11.54 -4.79 -17.44
N PRO A 43 -11.51 -3.64 -18.14
CA PRO A 43 -12.09 -2.40 -17.64
C PRO A 43 -13.61 -2.44 -17.60
N SER A 44 -14.17 -3.59 -17.94
CA SER A 44 -15.63 -3.76 -17.95
C SER A 44 -16.29 -2.82 -18.95
N SER A 45 -15.69 -2.73 -20.13
CA SER A 45 -16.22 -1.86 -21.18
C SER A 45 -15.56 -2.16 -22.53
N GLY A 46 -16.38 -2.46 -23.52
CA GLY A 46 -15.87 -2.76 -24.84
C GLY A 46 -16.58 -2.00 -25.94
N GLY A 1 -2.87 19.07 7.99
CA GLY A 1 -2.10 17.87 7.77
C GLY A 1 -0.83 17.83 8.59
N SER A 2 -0.77 16.90 9.54
CA SER A 2 0.40 16.76 10.41
C SER A 2 1.35 15.69 9.88
N SER A 3 2.59 16.07 9.62
CA SER A 3 3.59 15.14 9.11
C SER A 3 4.90 15.29 9.87
N GLY A 4 4.98 14.63 11.03
CA GLY A 4 6.18 14.70 11.84
C GLY A 4 7.34 13.93 11.21
N SER A 5 8.41 14.64 10.88
CA SER A 5 9.58 14.01 10.28
C SER A 5 10.56 13.55 11.35
N SER A 6 10.03 12.93 12.40
CA SER A 6 10.86 12.44 13.50
C SER A 6 10.85 10.92 13.55
N GLY A 7 11.78 10.35 14.31
CA GLY A 7 11.86 8.90 14.42
C GLY A 7 12.53 8.26 13.23
N THR A 8 11.90 7.23 12.68
CA THR A 8 12.43 6.52 11.53
C THR A 8 12.11 7.25 10.23
N GLY A 9 13.09 7.32 9.34
CA GLY A 9 12.88 7.99 8.06
C GLY A 9 11.66 7.47 7.33
N GLU A 10 11.88 6.58 6.37
CA GLU A 10 10.80 6.02 5.58
C GLU A 10 10.16 4.82 6.31
N LYS A 11 8.83 4.78 6.29
CA LYS A 11 8.10 3.70 6.95
C LYS A 11 8.78 2.35 6.70
N PRO A 12 8.81 1.50 7.74
CA PRO A 12 9.42 0.17 7.65
C PRO A 12 8.61 -0.78 6.78
N TYR A 13 7.34 -0.46 6.58
CA TYR A 13 6.46 -1.29 5.76
C TYR A 13 5.97 -0.51 4.54
N SER A 14 5.86 -1.21 3.42
CA SER A 14 5.41 -0.59 2.18
C SER A 14 4.64 -1.59 1.32
N CYS A 15 3.59 -1.11 0.65
CA CYS A 15 2.77 -1.96 -0.20
C CYS A 15 3.34 -2.03 -1.62
N ASN A 16 3.91 -3.18 -1.96
CA ASN A 16 4.48 -3.38 -3.29
C ASN A 16 3.44 -3.87 -4.28
N VAL A 17 2.26 -3.24 -4.25
CA VAL A 17 1.17 -3.62 -5.15
C VAL A 17 0.55 -2.39 -5.79
N CYS A 18 0.14 -1.44 -4.95
CA CYS A 18 -0.48 -0.20 -5.43
C CYS A 18 0.38 1.00 -5.12
N GLY A 19 0.95 1.02 -3.91
CA GLY A 19 1.81 2.12 -3.51
C GLY A 19 1.34 2.75 -2.20
N LYS A 20 1.65 2.11 -1.09
CA LYS A 20 1.26 2.61 0.23
C LYS A 20 2.38 2.38 1.25
N ALA A 21 2.27 3.05 2.39
CA ALA A 21 3.25 2.91 3.45
C ALA A 21 2.59 2.79 4.81
N PHE A 22 3.17 1.99 5.68
CA PHE A 22 2.63 1.78 7.02
C PHE A 22 3.75 1.72 8.06
N VAL A 23 3.42 2.01 9.31
CA VAL A 23 4.38 1.98 10.40
C VAL A 23 4.50 0.60 11.01
N LEU A 24 3.35 -0.06 11.17
CA LEU A 24 3.32 -1.40 11.75
C LEU A 24 3.06 -2.45 10.68
N SER A 25 3.17 -3.73 11.06
CA SER A 25 2.95 -4.82 10.13
C SER A 25 1.44 -5.07 9.94
N ALA A 26 0.71 -5.09 11.04
CA ALA A 26 -0.73 -5.31 11.00
C ALA A 26 -1.41 -4.35 10.03
N HIS A 27 -1.03 -3.08 10.11
CA HIS A 27 -1.60 -2.05 9.23
C HIS A 27 -1.43 -2.44 7.77
N LEU A 28 -0.21 -2.81 7.40
CA LEU A 28 0.09 -3.19 6.03
C LEU A 28 -0.72 -4.41 5.62
N ASN A 29 -0.82 -5.39 6.53
CA ASN A 29 -1.57 -6.60 6.26
C ASN A 29 -3.04 -6.31 6.00
N GLN A 30 -3.60 -5.41 6.81
CA GLN A 30 -5.01 -5.03 6.67
C GLN A 30 -5.25 -4.37 5.32
N HIS A 31 -4.22 -3.79 4.75
CA HIS A 31 -4.32 -3.12 3.46
C HIS A 31 -4.31 -4.13 2.32
N LEU A 32 -3.43 -5.12 2.41
CA LEU A 32 -3.32 -6.15 1.40
C LEU A 32 -4.69 -6.77 1.10
N ARG A 33 -5.57 -6.74 2.09
CA ARG A 33 -6.91 -7.29 1.94
C ARG A 33 -7.62 -6.68 0.72
N VAL A 34 -7.36 -5.41 0.48
CA VAL A 34 -7.97 -4.72 -0.65
C VAL A 34 -7.44 -5.25 -1.97
N HIS A 35 -6.32 -5.97 -1.92
CA HIS A 35 -5.72 -6.54 -3.11
C HIS A 35 -6.04 -8.02 -3.23
N THR A 36 -5.75 -8.78 -2.17
CA THR A 36 -6.01 -10.20 -2.16
C THR A 36 -7.44 -10.51 -2.59
N GLN A 37 -8.34 -9.56 -2.38
CA GLN A 37 -9.73 -9.73 -2.75
C GLN A 37 -9.93 -9.49 -4.24
N GLU A 38 -9.17 -8.57 -4.80
CA GLU A 38 -9.26 -8.25 -6.22
C GLU A 38 -7.87 -8.14 -6.84
N THR A 39 -7.63 -8.94 -7.88
CA THR A 39 -6.34 -8.93 -8.56
C THR A 39 -6.21 -7.71 -9.46
N LEU A 40 -7.31 -7.32 -10.09
CA LEU A 40 -7.32 -6.16 -10.98
C LEU A 40 -8.03 -4.98 -10.33
N SER A 41 -7.25 -4.02 -9.83
CA SER A 41 -7.81 -2.84 -9.18
C SER A 41 -7.56 -1.59 -10.03
N GLY A 42 -6.35 -1.48 -10.56
CA GLY A 42 -6.01 -0.32 -11.38
C GLY A 42 -7.01 -0.09 -12.49
N PRO A 43 -6.90 1.07 -13.16
CA PRO A 43 -7.79 1.45 -14.26
C PRO A 43 -7.55 0.60 -15.51
N SER A 44 -6.29 0.45 -15.88
CA SER A 44 -5.91 -0.34 -17.05
C SER A 44 -5.43 -1.72 -16.66
N SER A 45 -5.88 -2.74 -17.38
CA SER A 45 -5.50 -4.12 -17.11
C SER A 45 -4.00 -4.31 -17.31
N GLY A 46 -3.33 -4.79 -16.25
CA GLY A 46 -1.90 -5.01 -16.33
C GLY A 46 -1.55 -6.46 -16.60
N GLY A 1 7.06 28.88 -7.12
CA GLY A 1 7.88 28.16 -6.17
C GLY A 1 7.10 27.09 -5.42
N SER A 2 7.60 25.86 -5.47
CA SER A 2 6.94 24.75 -4.79
C SER A 2 7.93 23.98 -3.92
N SER A 3 7.78 24.12 -2.61
CA SER A 3 8.66 23.44 -1.67
C SER A 3 7.85 22.77 -0.55
N GLY A 4 6.75 22.13 -0.94
CA GLY A 4 5.91 21.47 0.04
C GLY A 4 6.55 20.21 0.58
N SER A 5 6.62 20.11 1.91
CA SER A 5 7.22 18.96 2.57
C SER A 5 6.63 18.76 3.97
N SER A 6 6.80 17.55 4.49
CA SER A 6 6.27 17.22 5.81
C SER A 6 7.21 16.27 6.55
N GLY A 7 7.24 16.39 7.87
CA GLY A 7 8.10 15.54 8.67
C GLY A 7 7.46 14.20 9.00
N THR A 8 7.22 13.40 7.97
CA THR A 8 6.61 12.09 8.15
C THR A 8 7.66 11.03 8.50
N GLY A 9 8.68 10.92 7.65
CA GLY A 9 9.72 9.94 7.88
C GLY A 9 9.51 8.66 7.09
N GLU A 10 10.59 7.91 6.87
CA GLU A 10 10.51 6.66 6.13
C GLU A 10 9.87 5.57 6.97
N LYS A 11 9.02 4.76 6.33
CA LYS A 11 8.35 3.67 7.02
C LYS A 11 9.01 2.34 6.71
N PRO A 12 9.01 1.43 7.71
CA PRO A 12 9.61 0.11 7.56
C PRO A 12 8.81 -0.80 6.63
N TYR A 13 7.49 -0.69 6.70
CA TYR A 13 6.61 -1.50 5.86
C TYR A 13 6.08 -0.68 4.68
N SER A 14 5.70 -1.37 3.61
CA SER A 14 5.18 -0.71 2.42
C SER A 14 4.58 -1.72 1.46
N CYS A 15 3.58 -1.29 0.70
CA CYS A 15 2.92 -2.16 -0.26
C CYS A 15 3.50 -1.97 -1.66
N ASN A 16 3.50 -3.03 -2.45
CA ASN A 16 4.02 -2.98 -3.80
C ASN A 16 2.90 -3.05 -4.83
N VAL A 17 1.77 -3.63 -4.43
CA VAL A 17 0.62 -3.76 -5.31
C VAL A 17 0.20 -2.40 -5.86
N CYS A 18 -0.07 -1.46 -4.95
CA CYS A 18 -0.48 -0.11 -5.35
C CYS A 18 0.62 0.90 -5.03
N GLY A 19 1.31 0.69 -3.92
CA GLY A 19 2.37 1.60 -3.54
C GLY A 19 2.02 2.43 -2.31
N LYS A 20 1.89 1.76 -1.17
CA LYS A 20 1.54 2.44 0.08
C LYS A 20 2.65 2.26 1.12
N ALA A 21 2.47 2.88 2.27
CA ALA A 21 3.45 2.78 3.35
C ALA A 21 2.76 2.65 4.71
N PHE A 22 3.36 1.86 5.59
CA PHE A 22 2.80 1.65 6.93
C PHE A 22 3.91 1.59 7.97
N VAL A 23 3.59 2.00 9.19
CA VAL A 23 4.55 2.00 10.28
C VAL A 23 4.67 0.60 10.91
N LEU A 24 3.53 -0.06 11.05
CA LEU A 24 3.51 -1.40 11.63
C LEU A 24 3.13 -2.44 10.58
N SER A 25 3.31 -3.72 10.93
CA SER A 25 2.99 -4.81 10.01
C SER A 25 1.48 -5.05 9.96
N ALA A 26 0.85 -5.04 11.13
CA ALA A 26 -0.59 -5.26 11.22
C ALA A 26 -1.35 -4.31 10.30
N HIS A 27 -0.90 -3.06 10.23
CA HIS A 27 -1.54 -2.06 9.38
C HIS A 27 -1.44 -2.47 7.92
N LEU A 28 -0.26 -2.90 7.50
CA LEU A 28 -0.04 -3.31 6.12
C LEU A 28 -0.92 -4.50 5.76
N ASN A 29 -0.96 -5.50 6.64
CA ASN A 29 -1.75 -6.69 6.42
C ASN A 29 -3.19 -6.33 6.03
N GLN A 30 -3.84 -5.53 6.88
CA GLN A 30 -5.21 -5.10 6.63
C GLN A 30 -5.34 -4.51 5.23
N HIS A 31 -4.39 -3.66 4.85
CA HIS A 31 -4.40 -3.03 3.55
C HIS A 31 -4.44 -4.08 2.43
N LEU A 32 -3.57 -5.07 2.53
CA LEU A 32 -3.50 -6.14 1.53
C LEU A 32 -4.90 -6.63 1.17
N ARG A 33 -5.83 -6.51 2.12
CA ARG A 33 -7.20 -6.94 1.90
C ARG A 33 -7.70 -6.49 0.52
N VAL A 34 -7.53 -5.20 0.24
CA VAL A 34 -7.96 -4.64 -1.04
C VAL A 34 -7.36 -5.41 -2.20
N HIS A 35 -6.12 -5.85 -2.04
CA HIS A 35 -5.43 -6.60 -3.09
C HIS A 35 -5.60 -8.11 -2.88
N THR A 36 -6.80 -8.51 -2.52
CA THR A 36 -7.10 -9.92 -2.28
C THR A 36 -7.62 -10.59 -3.55
N GLN A 37 -8.41 -9.85 -4.32
CA GLN A 37 -8.98 -10.37 -5.55
C GLN A 37 -8.55 -9.53 -6.75
N GLU A 38 -7.94 -8.38 -6.47
CA GLU A 38 -7.49 -7.48 -7.52
C GLU A 38 -6.31 -8.08 -8.28
N THR A 39 -6.49 -8.31 -9.58
CA THR A 39 -5.44 -8.87 -10.41
C THR A 39 -4.69 -7.78 -11.16
N LEU A 40 -5.43 -6.95 -11.90
CA LEU A 40 -4.83 -5.87 -12.67
C LEU A 40 -4.95 -4.54 -11.93
N SER A 41 -3.82 -3.90 -11.70
CA SER A 41 -3.79 -2.62 -11.00
C SER A 41 -3.53 -1.47 -11.97
N GLY A 42 -4.61 -0.89 -12.49
CA GLY A 42 -4.48 0.21 -13.42
C GLY A 42 -4.12 -0.25 -14.81
N PRO A 43 -4.64 0.47 -15.83
CA PRO A 43 -4.38 0.14 -17.23
C PRO A 43 -2.93 0.42 -17.64
N SER A 44 -2.20 -0.64 -17.97
CA SER A 44 -0.80 -0.51 -18.37
C SER A 44 -0.61 -1.00 -19.80
N SER A 45 -0.86 -2.29 -20.03
CA SER A 45 -0.71 -2.88 -21.35
C SER A 45 -1.55 -2.13 -22.38
N GLY A 46 -0.88 -1.48 -23.33
CA GLY A 46 -1.58 -0.74 -24.36
C GLY A 46 -0.69 -0.36 -25.51
N GLY A 1 3.79 26.77 -2.36
CA GLY A 1 4.84 27.28 -1.49
C GLY A 1 5.46 26.20 -0.63
N SER A 2 6.77 26.31 -0.40
CA SER A 2 7.48 25.32 0.41
C SER A 2 7.33 25.62 1.89
N SER A 3 6.57 24.79 2.58
CA SER A 3 6.34 24.96 4.02
C SER A 3 7.45 24.30 4.83
N GLY A 4 8.08 25.07 5.71
CA GLY A 4 9.14 24.54 6.53
C GLY A 4 8.63 23.57 7.59
N SER A 5 8.24 22.38 7.16
CA SER A 5 7.72 21.37 8.07
C SER A 5 8.82 20.40 8.49
N SER A 6 8.68 19.85 9.69
CA SER A 6 9.67 18.91 10.21
C SER A 6 9.00 17.78 10.99
N GLY A 7 9.28 16.54 10.60
CA GLY A 7 8.69 15.40 11.28
C GLY A 7 8.19 14.35 10.31
N THR A 8 9.10 13.81 9.51
CA THR A 8 8.74 12.79 8.53
C THR A 8 9.91 11.83 8.29
N GLY A 9 9.63 10.54 8.42
CA GLY A 9 10.66 9.54 8.22
C GLY A 9 10.17 8.36 7.39
N GLU A 10 11.11 7.49 6.99
CA GLU A 10 10.76 6.33 6.18
C GLU A 10 9.96 5.32 7.00
N LYS A 11 9.21 4.47 6.32
CA LYS A 11 8.40 3.46 6.98
C LYS A 11 8.97 2.06 6.75
N PRO A 12 8.87 1.20 7.78
CA PRO A 12 9.37 -0.18 7.71
C PRO A 12 8.55 -1.05 6.76
N TYR A 13 7.26 -0.74 6.67
CA TYR A 13 6.35 -1.50 5.81
C TYR A 13 5.87 -0.64 4.64
N SER A 14 5.53 -1.30 3.54
CA SER A 14 5.05 -0.59 2.35
C SER A 14 4.49 -1.58 1.33
N CYS A 15 3.44 -1.16 0.63
CA CYS A 15 2.79 -2.00 -0.37
C CYS A 15 3.43 -1.79 -1.74
N ASN A 16 3.48 -2.85 -2.54
CA ASN A 16 4.06 -2.78 -3.87
C ASN A 16 2.98 -2.84 -4.94
N VAL A 17 1.89 -3.55 -4.64
CA VAL A 17 0.79 -3.69 -5.58
C VAL A 17 0.29 -2.34 -6.06
N CYS A 18 -0.10 -1.49 -5.11
CA CYS A 18 -0.59 -0.15 -5.43
C CYS A 18 0.44 0.92 -5.07
N GLY A 19 1.19 0.66 -4.00
CA GLY A 19 2.20 1.60 -3.56
C GLY A 19 1.77 2.40 -2.35
N LYS A 20 1.90 1.79 -1.17
CA LYS A 20 1.52 2.44 0.07
C LYS A 20 2.63 2.31 1.12
N ALA A 21 2.42 2.91 2.28
CA ALA A 21 3.39 2.85 3.36
C ALA A 21 2.69 2.74 4.72
N PHE A 22 3.27 1.92 5.61
CA PHE A 22 2.71 1.73 6.93
C PHE A 22 3.80 1.67 7.99
N VAL A 23 3.48 2.09 9.20
CA VAL A 23 4.45 2.08 10.30
C VAL A 23 4.56 0.70 10.92
N LEU A 24 3.41 0.07 11.16
CA LEU A 24 3.38 -1.26 11.76
C LEU A 24 3.10 -2.32 10.70
N SER A 25 3.23 -3.59 11.09
CA SER A 25 2.98 -4.70 10.18
C SER A 25 1.49 -4.96 10.03
N ALA A 26 0.79 -5.02 11.14
CA ALA A 26 -0.64 -5.27 11.14
C ALA A 26 -1.36 -4.32 10.18
N HIS A 27 -0.95 -3.06 10.18
CA HIS A 27 -1.55 -2.05 9.31
C HIS A 27 -1.34 -2.42 7.85
N LEU A 28 -0.13 -2.85 7.51
CA LEU A 28 0.19 -3.25 6.13
C LEU A 28 -0.67 -4.42 5.68
N ASN A 29 -0.72 -5.46 6.51
CA ASN A 29 -1.50 -6.64 6.20
C ASN A 29 -2.97 -6.29 5.97
N GLN A 30 -3.54 -5.54 6.91
CA GLN A 30 -4.94 -5.13 6.80
C GLN A 30 -5.22 -4.49 5.44
N HIS A 31 -4.26 -3.70 4.96
CA HIS A 31 -4.42 -3.04 3.66
C HIS A 31 -4.52 -4.05 2.54
N LEU A 32 -3.65 -5.06 2.56
CA LEU A 32 -3.65 -6.09 1.54
C LEU A 32 -5.07 -6.59 1.27
N ARG A 33 -5.95 -6.44 2.26
CA ARG A 33 -7.33 -6.88 2.14
C ARG A 33 -7.92 -6.42 0.81
N VAL A 34 -7.32 -5.39 0.22
CA VAL A 34 -7.79 -4.85 -1.06
C VAL A 34 -7.13 -5.58 -2.23
N HIS A 35 -5.90 -6.04 -2.01
CA HIS A 35 -5.17 -6.74 -3.06
C HIS A 35 -5.22 -8.25 -2.84
N THR A 36 -6.29 -8.71 -2.19
CA THR A 36 -6.47 -10.13 -1.91
C THR A 36 -7.81 -10.64 -2.44
N GLN A 37 -8.75 -9.72 -2.60
CA GLN A 37 -10.09 -10.07 -3.10
C GLN A 37 -10.13 -10.00 -4.62
N GLU A 38 -9.07 -10.48 -5.26
CA GLU A 38 -8.99 -10.47 -6.72
C GLU A 38 -8.68 -11.87 -7.26
N THR A 39 -9.73 -12.60 -7.62
CA THR A 39 -9.59 -13.95 -8.15
C THR A 39 -8.57 -13.99 -9.27
N LEU A 40 -7.57 -14.85 -9.13
CA LEU A 40 -6.52 -14.98 -10.15
C LEU A 40 -7.13 -15.33 -11.50
N SER A 41 -6.29 -15.30 -12.54
CA SER A 41 -6.74 -15.63 -13.89
C SER A 41 -6.91 -17.12 -14.07
N GLY A 42 -7.99 -17.52 -14.74
CA GLY A 42 -8.25 -18.92 -14.97
C GLY A 42 -7.49 -19.48 -16.16
N PRO A 43 -7.92 -19.08 -17.37
CA PRO A 43 -7.29 -19.53 -18.61
C PRO A 43 -5.90 -18.92 -18.80
N SER A 44 -4.87 -19.69 -18.46
CA SER A 44 -3.49 -19.23 -18.60
C SER A 44 -2.50 -20.35 -18.30
N SER A 45 -1.74 -20.75 -19.30
CA SER A 45 -0.76 -21.81 -19.15
C SER A 45 0.29 -21.45 -18.10
N GLY A 46 1.04 -22.44 -17.64
CA GLY A 46 2.06 -22.19 -16.65
C GLY A 46 2.07 -23.26 -15.56
N GLY A 1 7.28 29.02 -14.20
CA GLY A 1 7.95 28.30 -13.14
C GLY A 1 7.00 27.37 -12.40
N SER A 2 7.47 26.85 -11.26
CA SER A 2 6.66 25.95 -10.44
C SER A 2 7.30 25.74 -9.08
N SER A 3 6.57 26.10 -8.03
CA SER A 3 7.06 25.95 -6.67
C SER A 3 6.10 25.12 -5.82
N GLY A 4 6.61 24.58 -4.73
CA GLY A 4 5.77 23.77 -3.86
C GLY A 4 6.58 23.04 -2.80
N SER A 5 6.02 22.91 -1.60
CA SER A 5 6.69 22.23 -0.50
C SER A 5 6.44 20.73 -0.55
N SER A 6 7.06 20.00 0.37
CA SER A 6 6.91 18.55 0.43
C SER A 6 7.18 18.03 1.84
N GLY A 7 6.67 16.83 2.13
CA GLY A 7 6.87 16.25 3.44
C GLY A 7 6.65 14.75 3.45
N THR A 8 7.71 13.99 3.21
CA THR A 8 7.63 12.53 3.18
C THR A 8 8.30 11.92 4.41
N GLY A 9 7.80 10.76 4.83
CA GLY A 9 8.37 10.09 5.99
C GLY A 9 8.90 8.71 5.66
N GLU A 10 9.77 8.19 6.53
CA GLU A 10 10.35 6.87 6.32
C GLU A 10 9.55 5.80 7.05
N LYS A 11 9.03 4.84 6.28
CA LYS A 11 8.24 3.75 6.85
C LYS A 11 8.93 2.41 6.65
N PRO A 12 8.99 1.60 7.71
CA PRO A 12 9.63 0.28 7.67
C PRO A 12 8.83 -0.72 6.84
N TYR A 13 7.53 -0.47 6.70
CA TYR A 13 6.66 -1.35 5.93
C TYR A 13 6.07 -0.62 4.73
N SER A 14 6.01 -1.31 3.60
CA SER A 14 5.49 -0.73 2.37
C SER A 14 4.69 -1.75 1.58
N CYS A 15 3.71 -1.28 0.82
CA CYS A 15 2.87 -2.16 0.01
C CYS A 15 3.46 -2.36 -1.38
N ASN A 16 3.63 -3.61 -1.77
CA ASN A 16 4.20 -3.93 -3.08
C ASN A 16 3.11 -4.37 -4.04
N VAL A 17 2.00 -3.64 -4.04
CA VAL A 17 0.88 -3.95 -4.93
C VAL A 17 0.36 -2.69 -5.62
N CYS A 18 0.08 -1.66 -4.84
CA CYS A 18 -0.42 -0.40 -5.38
C CYS A 18 0.55 0.73 -5.10
N GLY A 19 1.09 0.76 -3.88
CA GLY A 19 2.03 1.80 -3.51
C GLY A 19 1.62 2.53 -2.26
N LYS A 20 1.90 1.94 -1.11
CA LYS A 20 1.55 2.54 0.17
C LYS A 20 2.66 2.32 1.20
N ALA A 21 2.62 3.08 2.29
CA ALA A 21 3.62 2.97 3.35
C ALA A 21 2.96 2.96 4.72
N PHE A 22 3.32 1.99 5.54
CA PHE A 22 2.76 1.86 6.88
C PHE A 22 3.87 1.90 7.94
N VAL A 23 3.47 1.98 9.21
CA VAL A 23 4.43 2.02 10.30
C VAL A 23 4.57 0.65 10.95
N LEU A 24 3.50 -0.15 10.91
CA LEU A 24 3.50 -1.48 11.49
C LEU A 24 3.17 -2.53 10.44
N SER A 25 3.27 -3.81 10.83
CA SER A 25 2.98 -4.91 9.93
C SER A 25 1.48 -5.12 9.79
N ALA A 26 0.79 -5.20 10.93
CA ALA A 26 -0.64 -5.40 10.94
C ALA A 26 -1.34 -4.43 9.99
N HIS A 27 -0.87 -3.19 9.97
CA HIS A 27 -1.46 -2.18 9.10
C HIS A 27 -1.24 -2.53 7.63
N LEU A 28 -0.05 -3.05 7.32
CA LEU A 28 0.29 -3.41 5.95
C LEU A 28 -0.55 -4.61 5.49
N ASN A 29 -0.78 -5.55 6.39
CA ASN A 29 -1.56 -6.73 6.07
C ASN A 29 -3.03 -6.37 5.84
N GLN A 30 -3.60 -5.61 6.77
CA GLN A 30 -4.98 -5.18 6.66
C GLN A 30 -5.23 -4.43 5.36
N HIS A 31 -4.15 -3.94 4.75
CA HIS A 31 -4.25 -3.20 3.50
C HIS A 31 -4.33 -4.15 2.31
N LEU A 32 -3.52 -5.20 2.34
CA LEU A 32 -3.50 -6.19 1.27
C LEU A 32 -4.91 -6.66 0.94
N ARG A 33 -5.77 -6.71 1.96
CA ARG A 33 -7.15 -7.14 1.77
C ARG A 33 -7.83 -6.32 0.68
N VAL A 34 -7.43 -5.06 0.56
CA VAL A 34 -8.00 -4.17 -0.44
C VAL A 34 -7.65 -4.62 -1.85
N HIS A 35 -6.60 -5.42 -1.96
CA HIS A 35 -6.15 -5.94 -3.26
C HIS A 35 -6.74 -7.31 -3.53
N THR A 36 -6.48 -8.25 -2.64
CA THR A 36 -6.98 -9.62 -2.79
C THR A 36 -8.40 -9.62 -3.35
N GLN A 37 -9.13 -8.55 -3.08
CA GLN A 37 -10.51 -8.43 -3.57
C GLN A 37 -10.54 -8.23 -5.07
N GLU A 38 -10.40 -9.32 -5.81
CA GLU A 38 -10.41 -9.26 -7.27
C GLU A 38 -11.79 -8.84 -7.79
N THR A 39 -11.79 -7.99 -8.82
CA THR A 39 -13.03 -7.51 -9.40
C THR A 39 -13.16 -7.95 -10.86
N LEU A 40 -14.23 -8.67 -11.16
CA LEU A 40 -14.47 -9.14 -12.52
C LEU A 40 -14.35 -8.01 -13.52
N SER A 41 -13.18 -7.91 -14.17
CA SER A 41 -12.92 -6.86 -15.15
C SER A 41 -11.92 -7.35 -16.20
N GLY A 42 -12.10 -6.89 -17.43
CA GLY A 42 -11.21 -7.27 -18.51
C GLY A 42 -11.74 -8.45 -19.30
N PRO A 43 -11.44 -8.47 -20.62
CA PRO A 43 -11.87 -9.53 -21.51
C PRO A 43 -11.18 -10.86 -21.23
N SER A 44 -9.85 -10.82 -21.15
CA SER A 44 -9.07 -12.03 -20.89
C SER A 44 -8.15 -11.82 -19.70
N SER A 45 -7.72 -12.92 -19.08
CA SER A 45 -6.84 -12.86 -17.92
C SER A 45 -5.38 -13.05 -18.34
N GLY A 46 -5.12 -14.13 -19.07
CA GLY A 46 -3.77 -14.42 -19.52
C GLY A 46 -3.47 -15.91 -19.57
N GLY A 1 0.40 27.14 -2.22
CA GLY A 1 0.57 27.65 -0.87
C GLY A 1 1.45 26.77 -0.02
N SER A 2 0.87 25.70 0.51
CA SER A 2 1.62 24.77 1.36
C SER A 2 1.46 23.34 0.85
N SER A 3 2.58 22.60 0.85
CA SER A 3 2.58 21.22 0.38
C SER A 3 1.46 20.42 1.05
N GLY A 4 1.34 20.56 2.37
CA GLY A 4 0.32 19.85 3.10
C GLY A 4 0.57 18.36 3.15
N SER A 5 1.53 17.95 3.97
CA SER A 5 1.87 16.53 4.11
C SER A 5 1.20 15.92 5.32
N SER A 6 1.23 14.60 5.41
CA SER A 6 0.62 13.89 6.53
C SER A 6 1.61 12.93 7.17
N GLY A 7 2.17 13.33 8.31
CA GLY A 7 3.12 12.49 9.00
C GLY A 7 4.50 12.56 8.39
N THR A 8 5.54 12.51 9.24
CA THR A 8 6.91 12.56 8.77
C THR A 8 7.71 11.37 9.28
N GLY A 9 8.71 10.96 8.51
CA GLY A 9 9.54 9.83 8.90
C GLY A 9 9.33 8.62 8.02
N GLU A 10 10.43 8.03 7.56
CA GLU A 10 10.35 6.85 6.70
C GLU A 10 9.49 5.76 7.34
N LYS A 11 9.10 4.77 6.53
CA LYS A 11 8.28 3.68 7.01
C LYS A 11 8.93 2.34 6.70
N PRO A 12 8.92 1.42 7.69
CA PRO A 12 9.50 0.08 7.53
C PRO A 12 8.69 -0.80 6.58
N TYR A 13 7.39 -0.59 6.56
CA TYR A 13 6.51 -1.36 5.69
C TYR A 13 6.03 -0.52 4.51
N SER A 14 5.94 -1.17 3.34
CA SER A 14 5.50 -0.48 2.13
C SER A 14 4.88 -1.47 1.14
N CYS A 15 3.66 -1.17 0.71
CA CYS A 15 2.95 -2.03 -0.23
C CYS A 15 3.57 -1.93 -1.62
N ASN A 16 3.57 -3.05 -2.34
CA ASN A 16 4.13 -3.09 -3.69
C ASN A 16 3.03 -3.27 -4.73
N VAL A 17 1.94 -3.90 -4.33
CA VAL A 17 0.81 -4.14 -5.22
C VAL A 17 0.31 -2.83 -5.83
N CYS A 18 0.07 -1.85 -4.97
CA CYS A 18 -0.43 -0.55 -5.41
C CYS A 18 0.59 0.56 -5.10
N GLY A 19 1.27 0.42 -3.96
CA GLY A 19 2.25 1.40 -3.56
C GLY A 19 1.81 2.22 -2.37
N LYS A 20 2.05 1.70 -1.17
CA LYS A 20 1.67 2.39 0.06
C LYS A 20 2.76 2.25 1.11
N ALA A 21 2.57 2.92 2.24
CA ALA A 21 3.54 2.87 3.33
C ALA A 21 2.83 2.83 4.68
N PHE A 22 3.34 2.00 5.59
CA PHE A 22 2.75 1.86 6.91
C PHE A 22 3.84 1.87 7.99
N VAL A 23 3.42 1.91 9.25
CA VAL A 23 4.36 1.92 10.36
C VAL A 23 4.52 0.54 10.97
N LEU A 24 3.40 -0.17 11.14
CA LEU A 24 3.42 -1.51 11.71
C LEU A 24 3.11 -2.55 10.64
N SER A 25 3.27 -3.82 10.99
CA SER A 25 3.02 -4.92 10.07
C SER A 25 1.52 -5.14 9.90
N ALA A 26 0.79 -5.11 11.01
CA ALA A 26 -0.66 -5.30 10.98
C ALA A 26 -1.33 -4.34 10.02
N HIS A 27 -0.88 -3.09 10.05
CA HIS A 27 -1.44 -2.06 9.17
C HIS A 27 -1.25 -2.43 7.71
N LEU A 28 -0.06 -2.93 7.38
CA LEU A 28 0.24 -3.33 6.01
C LEU A 28 -0.63 -4.49 5.57
N ASN A 29 -0.76 -5.50 6.43
CA ASN A 29 -1.56 -6.67 6.13
C ASN A 29 -3.01 -6.27 5.83
N GLN A 30 -3.63 -5.56 6.76
CA GLN A 30 -5.01 -5.13 6.59
C GLN A 30 -5.20 -4.47 5.23
N HIS A 31 -4.20 -3.72 4.78
CA HIS A 31 -4.27 -3.05 3.49
C HIS A 31 -4.39 -4.05 2.36
N LEU A 32 -3.52 -5.06 2.37
CA LEU A 32 -3.54 -6.09 1.33
C LEU A 32 -4.94 -6.65 1.14
N ARG A 33 -5.75 -6.60 2.19
CA ARG A 33 -7.10 -7.10 2.14
C ARG A 33 -7.87 -6.46 0.98
N VAL A 34 -7.53 -5.22 0.67
CA VAL A 34 -8.19 -4.49 -0.41
C VAL A 34 -7.74 -5.02 -1.77
N HIS A 35 -6.54 -5.60 -1.81
CA HIS A 35 -6.01 -6.15 -3.06
C HIS A 35 -6.51 -7.57 -3.28
N THR A 36 -6.65 -8.33 -2.19
CA THR A 36 -7.12 -9.71 -2.28
C THR A 36 -8.63 -9.77 -2.39
N GLN A 37 -9.19 -8.92 -3.24
CA GLN A 37 -10.64 -8.88 -3.45
C GLN A 37 -11.02 -9.50 -4.79
N GLU A 38 -12.29 -9.87 -4.92
CA GLU A 38 -12.78 -10.48 -6.14
C GLU A 38 -12.60 -9.54 -7.33
N THR A 39 -12.03 -10.06 -8.41
CA THR A 39 -11.80 -9.26 -9.62
C THR A 39 -12.05 -10.08 -10.88
N LEU A 40 -11.97 -9.42 -12.03
CA LEU A 40 -12.19 -10.09 -13.31
C LEU A 40 -10.89 -10.68 -13.84
N SER A 41 -11.01 -11.55 -14.84
CA SER A 41 -9.84 -12.19 -15.44
C SER A 41 -8.77 -11.16 -15.77
N GLY A 42 -7.57 -11.36 -15.23
CA GLY A 42 -6.48 -10.44 -15.49
C GLY A 42 -5.46 -10.43 -14.36
N PRO A 43 -4.55 -11.42 -14.38
CA PRO A 43 -3.49 -11.55 -13.37
C PRO A 43 -2.45 -10.44 -13.47
N SER A 44 -1.91 -10.02 -12.33
CA SER A 44 -0.91 -8.97 -12.29
C SER A 44 0.47 -9.53 -12.64
N SER A 45 1.21 -8.77 -13.43
CA SER A 45 2.56 -9.18 -13.85
C SER A 45 3.47 -9.37 -12.63
N GLY A 46 4.67 -9.86 -12.88
CA GLY A 46 5.62 -10.09 -11.80
C GLY A 46 6.51 -11.29 -12.05
N GLY A 1 -10.38 12.03 -5.70
CA GLY A 1 -9.02 11.57 -5.52
C GLY A 1 -8.28 12.34 -4.43
N SER A 2 -8.67 12.09 -3.18
CA SER A 2 -8.05 12.77 -2.05
C SER A 2 -6.97 11.89 -1.42
N SER A 3 -6.15 11.27 -2.26
CA SER A 3 -5.08 10.40 -1.80
C SER A 3 -4.45 10.96 -0.53
N GLY A 4 -3.97 12.19 -0.60
CA GLY A 4 -3.35 12.82 0.55
C GLY A 4 -1.85 12.66 0.57
N SER A 5 -1.18 13.34 1.49
CA SER A 5 0.27 13.28 1.60
C SER A 5 0.69 12.15 2.53
N SER A 6 1.99 11.84 2.53
CA SER A 6 2.53 10.78 3.37
C SER A 6 2.98 11.33 4.71
N GLY A 7 3.46 10.44 5.57
CA GLY A 7 3.92 10.85 6.89
C GLY A 7 5.39 11.20 6.91
N THR A 8 5.91 11.50 8.10
CA THR A 8 7.31 11.84 8.24
C THR A 8 8.15 10.62 8.61
N GLY A 9 9.28 10.46 7.92
CA GLY A 9 10.15 9.32 8.17
C GLY A 9 9.81 8.12 7.32
N GLU A 10 10.84 7.46 6.80
CA GLU A 10 10.65 6.29 5.95
C GLU A 10 10.09 5.12 6.77
N LYS A 11 8.89 4.68 6.42
CA LYS A 11 8.25 3.57 7.12
C LYS A 11 8.92 2.25 6.77
N PRO A 12 9.01 1.35 7.75
CA PRO A 12 9.63 0.03 7.57
C PRO A 12 8.80 -0.89 6.67
N TYR A 13 7.49 -0.69 6.70
CA TYR A 13 6.58 -1.50 5.89
C TYR A 13 6.01 -0.68 4.74
N SER A 14 5.64 -1.37 3.66
CA SER A 14 5.08 -0.71 2.49
C SER A 14 4.30 -1.70 1.63
N CYS A 15 3.58 -1.18 0.65
CA CYS A 15 2.79 -2.02 -0.25
C CYS A 15 3.45 -2.12 -1.62
N ASN A 16 3.60 -3.34 -2.12
CA ASN A 16 4.22 -3.58 -3.41
C ASN A 16 3.19 -4.01 -4.44
N VAL A 17 2.03 -3.34 -4.43
CA VAL A 17 0.96 -3.67 -5.36
C VAL A 17 0.39 -2.41 -6.00
N CYS A 18 0.15 -1.39 -5.18
CA CYS A 18 -0.38 -0.12 -5.67
C CYS A 18 0.51 1.04 -5.28
N GLY A 19 0.96 1.04 -4.02
CA GLY A 19 1.82 2.10 -3.53
C GLY A 19 1.32 2.70 -2.23
N LYS A 20 1.70 2.08 -1.12
CA LYS A 20 1.30 2.55 0.20
C LYS A 20 2.39 2.30 1.24
N ALA A 21 2.28 2.96 2.38
CA ALA A 21 3.26 2.81 3.45
C ALA A 21 2.58 2.61 4.80
N PHE A 22 3.24 1.89 5.70
CA PHE A 22 2.70 1.63 7.02
C PHE A 22 3.81 1.55 8.06
N VAL A 23 3.49 1.98 9.28
CA VAL A 23 4.46 1.97 10.37
C VAL A 23 4.62 0.57 10.95
N LEU A 24 3.49 -0.10 11.15
CA LEU A 24 3.49 -1.46 11.71
C LEU A 24 3.16 -2.49 10.64
N SER A 25 3.26 -3.77 10.99
CA SER A 25 2.98 -4.85 10.06
C SER A 25 1.47 -5.03 9.89
N ALA A 26 0.75 -5.01 11.01
CA ALA A 26 -0.69 -5.18 10.99
C ALA A 26 -1.36 -4.18 10.06
N HIS A 27 -0.89 -2.93 10.10
CA HIS A 27 -1.43 -1.87 9.25
C HIS A 27 -1.25 -2.23 7.78
N LEU A 28 -0.08 -2.74 7.42
CA LEU A 28 0.21 -3.12 6.05
C LEU A 28 -0.65 -4.29 5.61
N ASN A 29 -0.77 -5.30 6.47
CA ASN A 29 -1.57 -6.47 6.17
C ASN A 29 -3.03 -6.09 5.93
N GLN A 30 -3.61 -5.36 6.87
CA GLN A 30 -4.99 -4.92 6.76
C GLN A 30 -5.27 -4.31 5.39
N HIS A 31 -4.26 -3.65 4.83
CA HIS A 31 -4.38 -3.01 3.52
C HIS A 31 -4.45 -4.06 2.42
N LEU A 32 -3.41 -4.89 2.33
CA LEU A 32 -3.34 -5.93 1.32
C LEU A 32 -4.72 -6.54 1.07
N ARG A 33 -5.54 -6.57 2.12
CA ARG A 33 -6.88 -7.13 2.01
C ARG A 33 -7.54 -6.72 0.70
N VAL A 34 -7.47 -5.43 0.38
CA VAL A 34 -8.05 -4.90 -0.85
C VAL A 34 -7.54 -5.66 -2.06
N HIS A 35 -6.24 -5.96 -2.06
CA HIS A 35 -5.63 -6.68 -3.18
C HIS A 35 -5.94 -8.17 -3.09
N THR A 36 -7.21 -8.49 -2.91
CA THR A 36 -7.64 -9.88 -2.81
C THR A 36 -8.60 -10.25 -3.94
N GLN A 37 -9.38 -9.26 -4.38
CA GLN A 37 -10.33 -9.49 -5.46
C GLN A 37 -9.64 -9.98 -6.72
N GLU A 38 -10.43 -10.46 -7.67
CA GLU A 38 -9.89 -10.98 -8.92
C GLU A 38 -9.98 -9.93 -10.03
N THR A 39 -8.85 -9.32 -10.37
CA THR A 39 -8.81 -8.30 -11.40
C THR A 39 -7.67 -8.55 -12.38
N LEU A 40 -7.97 -8.48 -13.67
CA LEU A 40 -6.96 -8.70 -14.71
C LEU A 40 -5.66 -7.98 -14.36
N SER A 41 -4.55 -8.53 -14.86
CA SER A 41 -3.23 -7.94 -14.60
C SER A 41 -3.22 -6.46 -14.97
N GLY A 42 -2.43 -5.68 -14.24
CA GLY A 42 -2.34 -4.26 -14.51
C GLY A 42 -1.10 -3.90 -15.29
N PRO A 43 -0.12 -3.28 -14.62
CA PRO A 43 1.14 -2.86 -15.24
C PRO A 43 2.02 -4.05 -15.61
N SER A 44 2.18 -4.98 -14.69
CA SER A 44 3.00 -6.16 -14.91
C SER A 44 2.85 -7.16 -13.77
N SER A 45 3.21 -8.41 -14.03
CA SER A 45 3.12 -9.46 -13.02
C SER A 45 4.04 -10.63 -13.36
N GLY A 46 4.95 -10.94 -12.45
CA GLY A 46 5.88 -12.04 -12.67
C GLY A 46 6.58 -12.48 -11.40
N GLY A 1 1.91 31.59 4.60
CA GLY A 1 2.14 30.38 5.36
C GLY A 1 3.35 29.60 4.88
N SER A 2 4.29 29.36 5.78
CA SER A 2 5.51 28.62 5.43
C SER A 2 5.63 27.35 6.27
N SER A 3 4.51 26.65 6.44
CA SER A 3 4.50 25.42 7.23
C SER A 3 4.38 24.21 6.33
N GLY A 4 5.13 23.16 6.66
CA GLY A 4 5.10 21.93 5.86
C GLY A 4 5.10 20.69 6.72
N SER A 5 3.91 20.15 6.99
CA SER A 5 3.77 18.96 7.81
C SER A 5 3.42 17.75 6.94
N SER A 6 4.46 17.10 6.41
CA SER A 6 4.26 15.93 5.56
C SER A 6 3.86 14.71 6.39
N GLY A 7 4.74 14.32 7.31
CA GLY A 7 4.46 13.18 8.16
C GLY A 7 5.72 12.55 8.71
N THR A 8 6.03 12.84 9.97
CA THR A 8 7.22 12.29 10.61
C THR A 8 7.13 10.78 10.76
N GLY A 9 8.23 10.16 11.14
CA GLY A 9 8.25 8.72 11.30
C GLY A 9 8.61 7.99 10.03
N GLU A 10 9.48 6.99 10.14
CA GLU A 10 9.90 6.21 8.98
C GLU A 10 8.98 5.02 8.74
N LYS A 11 8.62 4.80 7.49
CA LYS A 11 7.74 3.68 7.14
C LYS A 11 8.52 2.55 6.50
N PRO A 12 8.94 1.58 7.34
CA PRO A 12 9.71 0.42 6.87
C PRO A 12 8.86 -0.54 6.03
N TYR A 13 7.56 -0.55 6.27
CA TYR A 13 6.65 -1.40 5.54
C TYR A 13 6.07 -0.69 4.33
N SER A 14 5.81 -1.44 3.27
CA SER A 14 5.25 -0.87 2.04
C SER A 14 4.44 -1.91 1.27
N CYS A 15 3.58 -1.43 0.37
CA CYS A 15 2.75 -2.32 -0.41
C CYS A 15 3.28 -2.45 -1.84
N ASN A 16 3.58 -3.68 -2.26
CA ASN A 16 4.10 -3.92 -3.59
C ASN A 16 2.98 -4.32 -4.54
N VAL A 17 1.85 -3.63 -4.44
CA VAL A 17 0.70 -3.90 -5.31
C VAL A 17 0.18 -2.62 -5.95
N CYS A 18 -0.03 -1.60 -5.13
CA CYS A 18 -0.53 -0.32 -5.62
C CYS A 18 0.47 0.80 -5.35
N GLY A 19 1.03 0.80 -4.14
CA GLY A 19 2.00 1.82 -3.77
C GLY A 19 1.64 2.54 -2.50
N LYS A 20 1.79 1.86 -1.37
CA LYS A 20 1.48 2.44 -0.06
C LYS A 20 2.58 2.17 0.94
N ALA A 21 2.56 2.88 2.06
CA ALA A 21 3.56 2.73 3.10
C ALA A 21 2.92 2.71 4.48
N PHE A 22 3.47 1.89 5.38
CA PHE A 22 2.95 1.77 6.73
C PHE A 22 4.09 1.72 7.74
N VAL A 23 3.81 2.15 8.97
CA VAL A 23 4.81 2.14 10.03
C VAL A 23 4.95 0.75 10.64
N LEU A 24 3.83 0.06 10.80
CA LEU A 24 3.84 -1.28 11.37
C LEU A 24 3.41 -2.32 10.33
N SER A 25 3.62 -3.59 10.65
CA SER A 25 3.26 -4.67 9.75
C SER A 25 1.75 -4.90 9.76
N ALA A 26 1.16 -4.87 10.94
CA ALA A 26 -0.27 -5.07 11.09
C ALA A 26 -1.06 -4.14 10.18
N HIS A 27 -0.60 -2.88 10.09
CA HIS A 27 -1.25 -1.88 9.26
C HIS A 27 -1.18 -2.28 7.79
N LEU A 28 -0.04 -2.81 7.37
CA LEU A 28 0.15 -3.23 5.99
C LEU A 28 -0.78 -4.38 5.63
N ASN A 29 -0.82 -5.39 6.49
CA ASN A 29 -1.68 -6.55 6.26
C ASN A 29 -3.12 -6.13 6.01
N GLN A 30 -3.66 -5.30 6.90
CA GLN A 30 -5.03 -4.82 6.77
C GLN A 30 -5.25 -4.18 5.40
N HIS A 31 -4.21 -3.54 4.88
CA HIS A 31 -4.30 -2.89 3.57
C HIS A 31 -4.40 -3.92 2.45
N LEU A 32 -3.42 -4.82 2.39
CA LEU A 32 -3.39 -5.86 1.37
C LEU A 32 -4.78 -6.45 1.17
N ARG A 33 -5.61 -6.39 2.20
CA ARG A 33 -6.97 -6.91 2.14
C ARG A 33 -7.65 -6.49 0.84
N VAL A 34 -7.57 -5.20 0.53
CA VAL A 34 -8.18 -4.66 -0.68
C VAL A 34 -7.75 -5.45 -1.91
N HIS A 35 -6.50 -5.91 -1.90
CA HIS A 35 -5.96 -6.68 -3.02
C HIS A 35 -6.27 -8.17 -2.85
N THR A 36 -7.51 -8.47 -2.48
CA THR A 36 -7.93 -9.85 -2.28
C THR A 36 -8.71 -10.37 -3.47
N GLN A 37 -9.43 -9.46 -4.14
CA GLN A 37 -10.22 -9.82 -5.31
C GLN A 37 -9.52 -9.39 -6.59
N GLU A 38 -9.89 -10.02 -7.71
CA GLU A 38 -9.30 -9.71 -9.00
C GLU A 38 -9.20 -8.20 -9.20
N THR A 39 -8.29 -7.77 -10.06
CA THR A 39 -8.08 -6.36 -10.34
C THR A 39 -7.88 -6.12 -11.83
N LEU A 40 -8.31 -4.95 -12.30
CA LEU A 40 -8.17 -4.60 -13.71
C LEU A 40 -8.78 -5.67 -14.60
N SER A 41 -9.93 -6.19 -14.19
CA SER A 41 -10.62 -7.23 -14.96
C SER A 41 -10.46 -7.00 -16.46
N GLY A 42 -10.40 -8.09 -17.22
CA GLY A 42 -10.25 -7.97 -18.66
C GLY A 42 -11.39 -7.23 -19.31
N PRO A 43 -12.60 -7.80 -19.23
CA PRO A 43 -13.81 -7.19 -19.82
C PRO A 43 -14.24 -5.93 -19.07
N SER A 44 -14.37 -4.84 -19.80
CA SER A 44 -14.77 -3.56 -19.19
C SER A 44 -16.12 -3.71 -18.50
N SER A 45 -16.13 -3.44 -17.19
CA SER A 45 -17.35 -3.53 -16.41
C SER A 45 -17.19 -2.83 -15.06
N GLY A 46 -18.19 -2.04 -14.68
CA GLY A 46 -18.14 -1.33 -13.43
C GLY A 46 -18.27 0.17 -13.60
#